data_7ZOR
#
_entry.id   7ZOR
#
_cell.length_a   127.020
_cell.length_b   60.681
_cell.length_c   131.258
_cell.angle_alpha   90.000
_cell.angle_beta   107.860
_cell.angle_gamma   90.000
#
_symmetry.space_group_name_H-M   'C 1 2 1'
#
loop_
_entity.id
_entity.type
_entity.pdbx_description
1 polymer 'Anti-siglec15 FAB HC'
2 polymer 'Anti-siglec15 FAB LC'
#
loop_
_entity_poly.entity_id
_entity_poly.type
_entity_poly.pdbx_seq_one_letter_code
_entity_poly.pdbx_strand_id
1 'polypeptide(L)'
;QVQLQQPGAELVKPGASVKMSCKASGYTFTSYWITWVIQRPGQGLEWIGDIYCGSDTMHYNEKFKNKATLTVDTSSSTAY
MQLSSLTSEDSAVYYCARWWDYGSSYDYFDYWGQGTTLTVSSASTKGPSVFPLAPSSKSTSGGTAALGCLVKDYFPEPVT
VSWNSGALTSGVHTFPAVLQSSGLYSLSSVVTVPSSSLGTQTYICNVNHKPSNTKVDKRVEPKSC
;
I,H
2 'polypeptide(L)'
;DIKMTQSPSSMYASLGERVTITCKASQDINSYLSWFQQKPGKSPKTLIYRANRLVDGVPSRFSGSGSGQDYSLTISSLEY
EDMGIYYCLQYDEFPYTFGGGTKLEIKRTVAAPSVFIFPPSDEQLKSGTASVVCLLNNFYPREAKVQWKVDNALQSGNSQ
ESVTEQDSKDSTYSLSSTLTLSKADYEKHKVYACEVTHQGLSSPVTKSFNRGEC
;
M,L
#
# COMPACT_ATOMS: atom_id res chain seq x y z
N GLN A 1 9.23 -0.44 -9.91
CA GLN A 1 10.22 -0.05 -8.92
C GLN A 1 10.04 1.41 -8.50
N VAL A 2 9.30 1.61 -7.41
CA VAL A 2 9.05 2.96 -6.92
C VAL A 2 10.34 3.54 -6.34
N GLN A 3 10.61 4.80 -6.69
CA GLN A 3 11.82 5.47 -6.23
C GLN A 3 11.58 6.96 -6.16
N LEU A 4 12.01 7.58 -5.06
CA LEU A 4 11.91 9.02 -4.86
C LEU A 4 13.30 9.56 -4.57
N GLN A 5 13.79 10.44 -5.44
CA GLN A 5 15.16 10.94 -5.37
C GLN A 5 15.15 12.38 -4.87
N GLN A 6 15.85 12.63 -3.77
CA GLN A 6 16.09 13.98 -3.26
C GLN A 6 17.58 14.28 -3.31
N PRO A 7 17.96 15.53 -3.53
CA PRO A 7 19.39 15.88 -3.54
C PRO A 7 20.03 15.63 -2.19
N GLY A 8 21.35 15.44 -2.21
CA GLY A 8 22.08 15.22 -0.97
C GLY A 8 22.03 16.41 -0.04
N ALA A 9 22.40 17.58 -0.54
CA ALA A 9 22.40 18.79 0.26
C ALA A 9 22.29 19.99 -0.66
N GLU A 10 21.86 21.12 -0.09
CA GLU A 10 21.72 22.37 -0.81
C GLU A 10 22.28 23.50 0.04
N LEU A 11 23.30 24.20 -0.48
CA LEU A 11 23.85 25.36 0.19
C LEU A 11 23.10 26.60 -0.29
N VAL A 12 22.66 27.43 0.66
CA VAL A 12 21.83 28.58 0.37
C VAL A 12 22.42 29.80 1.07
N LYS A 13 22.55 30.91 0.33
CA LYS A 13 22.87 32.17 0.96
C LYS A 13 21.64 32.75 1.64
N PRO A 14 21.78 33.32 2.83
CA PRO A 14 20.59 33.77 3.59
C PRO A 14 19.85 34.87 2.86
N GLY A 15 18.53 34.84 2.99
CA GLY A 15 17.64 35.77 2.32
C GLY A 15 17.22 35.32 0.93
N ALA A 16 18.04 34.52 0.26
CA ALA A 16 17.71 34.04 -1.08
C ALA A 16 16.75 32.85 -1.00
N SER A 17 16.28 32.43 -2.16
CA SER A 17 15.36 31.32 -2.28
C SER A 17 16.09 30.08 -2.81
N VAL A 18 15.40 28.94 -2.72
CA VAL A 18 15.97 27.67 -3.18
C VAL A 18 14.80 26.72 -3.46
N LYS A 19 15.07 25.70 -4.27
CA LYS A 19 14.10 24.67 -4.59
C LYS A 19 14.65 23.30 -4.23
N MET A 20 13.82 22.48 -3.59
CA MET A 20 14.15 21.09 -3.31
C MET A 20 13.35 20.20 -4.24
N SER A 21 14.04 19.32 -4.95
CA SER A 21 13.41 18.43 -5.92
C SER A 21 13.15 17.07 -5.29
N CYS A 22 12.02 16.47 -5.67
CA CYS A 22 11.64 15.12 -5.25
C CYS A 22 11.21 14.38 -6.51
N LYS A 23 12.17 13.78 -7.19
CA LYS A 23 11.92 13.17 -8.50
C LYS A 23 11.31 11.79 -8.29
N ALA A 24 10.07 11.62 -8.71
CA ALA A 24 9.40 10.33 -8.66
C ALA A 24 9.65 9.55 -9.94
N SER A 25 9.89 8.25 -9.79
CA SER A 25 10.21 7.41 -10.93
C SER A 25 9.71 5.99 -10.68
N GLY A 26 9.34 5.31 -11.76
CA GLY A 26 8.96 3.91 -11.70
C GLY A 26 7.51 3.64 -11.41
N TYR A 27 6.66 4.66 -11.33
CA TYR A 27 5.24 4.45 -11.04
C TYR A 27 4.43 5.55 -11.69
N THR A 28 3.11 5.39 -11.64
CA THR A 28 2.19 6.37 -12.21
C THR A 28 2.22 7.66 -11.39
N PHE A 29 2.79 8.71 -11.98
CA PHE A 29 3.09 9.92 -11.22
C PHE A 29 1.84 10.70 -10.86
N THR A 30 0.92 10.86 -11.81
CA THR A 30 -0.22 11.75 -11.65
C THR A 30 -1.41 11.09 -10.95
N SER A 31 -1.19 10.02 -10.19
CA SER A 31 -2.27 9.29 -9.53
C SER A 31 -2.08 9.18 -8.03
N TYR A 32 -1.13 9.90 -7.44
CA TYR A 32 -0.87 9.81 -6.01
C TYR A 32 -0.64 11.20 -5.42
N TRP A 33 -0.58 11.25 -4.10
CA TRP A 33 -0.27 12.46 -3.35
C TRP A 33 1.17 12.42 -2.86
N ILE A 34 1.68 13.60 -2.50
CA ILE A 34 3.03 13.75 -1.97
C ILE A 34 2.98 14.71 -0.78
N THR A 35 3.68 14.37 0.29
CA THR A 35 3.70 15.17 1.51
C THR A 35 5.13 15.46 1.92
N TRP A 36 5.39 16.71 2.30
CA TRP A 36 6.70 17.16 2.72
C TRP A 36 6.78 17.27 4.24
N VAL A 37 7.91 16.85 4.80
CA VAL A 37 8.13 16.86 6.24
C VAL A 37 9.52 17.44 6.51
N ILE A 38 9.59 18.37 7.46
CA ILE A 38 10.84 18.99 7.88
C ILE A 38 11.28 18.36 9.20
N GLN A 39 12.57 18.06 9.32
CA GLN A 39 13.14 17.54 10.55
C GLN A 39 14.40 18.32 10.89
N ARG A 40 14.30 19.19 11.90
CA ARG A 40 15.49 19.79 12.46
C ARG A 40 16.22 18.75 13.30
N PRO A 41 17.55 18.66 13.18
CA PRO A 41 18.26 17.51 13.76
C PRO A 41 18.12 17.42 15.27
N GLY A 42 17.88 16.19 15.75
CA GLY A 42 17.69 15.94 17.16
C GLY A 42 16.28 16.16 17.67
N GLN A 43 15.46 16.92 16.95
CA GLN A 43 14.11 17.25 17.38
C GLN A 43 13.10 16.39 16.62
N GLY A 44 11.81 16.69 16.81
CA GLY A 44 10.75 15.91 16.22
C GLY A 44 10.55 16.21 14.74
N LEU A 45 9.34 15.91 14.28
CA LEU A 45 8.95 16.12 12.88
C LEU A 45 7.84 17.16 12.80
N GLU A 46 7.69 17.75 11.61
CA GLU A 46 6.72 18.81 11.41
C GLU A 46 6.19 18.72 9.99
N TRP A 47 4.87 18.81 9.84
CA TRP A 47 4.22 18.68 8.54
C TRP A 47 4.20 20.03 7.83
N ILE A 48 4.58 20.02 6.56
CA ILE A 48 4.64 21.24 5.75
C ILE A 48 3.39 21.41 4.90
N GLY A 49 3.02 20.36 4.16
CA GLY A 49 1.83 20.44 3.33
C GLY A 49 1.65 19.25 2.41
N ASP A 50 0.40 18.88 2.18
CA ASP A 50 0.06 17.80 1.26
C ASP A 50 -0.17 18.39 -0.12
N ILE A 51 0.40 17.75 -1.15
CA ILE A 51 0.24 18.19 -2.53
C ILE A 51 -0.16 17.01 -3.39
N TYR A 52 -1.11 17.25 -4.31
CA TYR A 52 -1.56 16.25 -5.26
C TYR A 52 -0.91 16.57 -6.60
N CYS A 53 -0.14 15.62 -7.13
CA CYS A 53 0.54 15.80 -8.41
C CYS A 53 -0.41 15.40 -9.52
N GLY A 54 -1.19 16.37 -9.99
CA GLY A 54 -2.15 16.10 -11.03
C GLY A 54 -3.49 16.80 -10.90
N SER A 55 -3.72 17.50 -9.81
CA SER A 55 -4.76 18.52 -9.82
C SER A 55 -4.29 19.80 -9.14
N ASP A 56 -3.07 19.84 -8.62
CA ASP A 56 -2.53 20.97 -7.88
C ASP A 56 -3.37 21.35 -6.67
N THR A 57 -4.22 20.42 -6.22
CA THR A 57 -4.99 20.62 -5.00
C THR A 57 -4.07 20.42 -3.80
N MET A 58 -3.91 21.47 -3.00
CA MET A 58 -2.95 21.47 -1.91
C MET A 58 -3.65 21.47 -0.56
N HIS A 59 -2.85 21.25 0.49
CA HIS A 59 -3.31 21.35 1.87
C HIS A 59 -2.14 21.88 2.69
N TYR A 60 -2.11 23.19 2.91
CA TYR A 60 -0.96 23.84 3.51
C TYR A 60 -1.03 23.80 5.04
N ASN A 61 0.14 23.85 5.66
CA ASN A 61 0.22 24.07 7.11
C ASN A 61 0.09 25.57 7.39
N GLU A 62 -0.67 25.90 8.43
CA GLU A 62 -0.95 27.31 8.72
C GLU A 62 0.33 28.07 9.03
N LYS A 63 1.22 27.49 9.84
CA LYS A 63 2.46 28.16 10.17
C LYS A 63 3.44 28.19 9.01
N PHE A 64 3.29 27.30 8.04
CA PHE A 64 4.17 27.27 6.88
C PHE A 64 3.65 28.08 5.70
N LYS A 65 2.42 28.58 5.78
CA LYS A 65 1.94 29.54 4.79
C LYS A 65 2.79 30.80 4.85
N ASN A 66 2.92 31.48 3.70
CA ASN A 66 3.76 32.64 3.48
C ASN A 66 5.25 32.30 3.55
N LYS A 67 5.61 31.03 3.74
CA LYS A 67 7.00 30.61 3.79
C LYS A 67 7.32 29.58 2.71
N ALA A 68 6.50 28.54 2.56
CA ALA A 68 6.75 27.47 1.61
C ALA A 68 5.74 27.54 0.47
N THR A 69 6.22 27.26 -0.74
CA THR A 69 5.39 27.20 -1.94
C THR A 69 5.70 25.91 -2.66
N LEU A 70 4.71 25.03 -2.77
CA LEU A 70 4.90 23.72 -3.37
C LEU A 70 4.57 23.75 -4.86
N THR A 71 5.29 22.93 -5.63
CA THR A 71 5.14 22.89 -7.07
C THR A 71 5.25 21.45 -7.55
N VAL A 72 4.65 21.18 -8.71
CA VAL A 72 4.73 19.88 -9.35
C VAL A 72 4.99 20.07 -10.83
N ASP A 73 5.89 19.26 -11.38
CA ASP A 73 6.23 19.29 -12.80
C ASP A 73 5.84 17.94 -13.39
N THR A 74 4.69 17.91 -14.09
CA THR A 74 4.21 16.66 -14.66
C THR A 74 5.07 16.17 -15.81
N SER A 75 5.94 17.03 -16.36
CA SER A 75 6.84 16.60 -17.42
C SER A 75 7.91 15.66 -16.88
N SER A 76 8.72 16.14 -15.93
CA SER A 76 9.79 15.35 -15.37
C SER A 76 9.31 14.40 -14.27
N SER A 77 8.01 14.38 -13.98
CA SER A 77 7.45 13.56 -12.90
C SER A 77 8.15 13.86 -11.58
N THR A 78 8.37 15.16 -11.32
CA THR A 78 9.15 15.60 -10.17
C THR A 78 8.33 16.60 -9.37
N ALA A 79 8.35 16.44 -8.04
CA ALA A 79 7.73 17.39 -7.13
C ALA A 79 8.76 18.43 -6.70
N TYR A 80 8.27 19.62 -6.38
CA TYR A 80 9.14 20.73 -6.01
C TYR A 80 8.55 21.49 -4.83
N MET A 81 9.38 21.79 -3.84
CA MET A 81 9.02 22.66 -2.73
C MET A 81 10.02 23.81 -2.68
N GLN A 82 9.53 25.02 -2.86
CA GLN A 82 10.38 26.21 -2.90
C GLN A 82 10.24 26.99 -1.60
N LEU A 83 11.37 27.40 -1.04
CA LEU A 83 11.40 28.18 0.19
C LEU A 83 11.89 29.59 -0.10
N SER A 84 11.21 30.57 0.49
CA SER A 84 11.55 31.98 0.29
C SER A 84 11.81 32.63 1.65
N SER A 85 12.55 33.74 1.61
CA SER A 85 12.95 34.47 2.81
C SER A 85 13.68 33.56 3.79
N LEU A 86 14.70 32.87 3.28
CA LEU A 86 15.40 31.87 4.08
C LEU A 86 16.30 32.53 5.12
N THR A 87 16.16 32.08 6.37
CA THR A 87 16.93 32.57 7.49
C THR A 87 17.81 31.46 8.04
N SER A 88 18.53 31.77 9.11
CA SER A 88 19.33 30.75 9.80
C SER A 88 18.47 29.75 10.55
N GLU A 89 17.16 29.99 10.67
CA GLU A 89 16.27 29.08 11.36
C GLU A 89 15.88 27.90 10.48
N ASP A 90 15.75 28.12 9.16
CA ASP A 90 15.24 27.12 8.24
C ASP A 90 16.26 26.06 7.87
N SER A 91 17.45 26.08 8.46
CA SER A 91 18.47 25.07 8.17
C SER A 91 18.08 23.76 8.85
N ALA A 92 17.59 22.81 8.06
CA ALA A 92 17.11 21.53 8.58
C ALA A 92 17.08 20.52 7.45
N VAL A 93 16.52 19.34 7.73
CA VAL A 93 16.35 18.28 6.75
C VAL A 93 14.90 18.24 6.31
N TYR A 94 14.69 18.18 5.00
CA TYR A 94 13.35 18.21 4.41
C TYR A 94 13.10 16.92 3.65
N TYR A 95 12.04 16.21 4.03
CA TYR A 95 11.67 14.95 3.41
C TYR A 95 10.53 15.13 2.43
N CYS A 96 10.40 14.16 1.52
CA CYS A 96 9.22 14.04 0.67
C CYS A 96 8.75 12.59 0.73
N ALA A 97 7.45 12.40 0.90
CA ALA A 97 6.88 11.07 1.03
C ALA A 97 5.62 10.97 0.19
N ARG A 98 5.32 9.75 -0.25
CA ARG A 98 4.17 9.49 -1.11
C ARG A 98 3.02 8.92 -0.29
N TRP A 99 1.80 9.34 -0.63
CA TRP A 99 0.60 8.78 -0.03
C TRP A 99 0.06 7.64 -0.88
N TRP A 100 -0.62 6.71 -0.23
CA TRP A 100 -1.35 5.63 -0.90
C TRP A 100 -2.82 5.76 -0.54
N ASP A 101 -3.66 5.92 -1.55
CA ASP A 101 -5.11 6.05 -1.36
C ASP A 101 -5.43 7.20 -0.40
N TYR A 102 -4.79 8.34 -0.64
CA TYR A 102 -5.00 9.51 0.21
C TYR A 102 -6.45 9.96 0.14
N GLY A 103 -7.00 10.33 1.30
CA GLY A 103 -8.38 10.72 1.39
C GLY A 103 -9.27 9.63 1.95
N SER A 104 -9.02 8.40 1.54
CA SER A 104 -9.78 7.26 2.04
C SER A 104 -9.33 6.92 3.46
N SER A 105 -10.01 5.94 4.06
CA SER A 105 -9.71 5.54 5.43
C SER A 105 -8.46 4.69 5.55
N TYR A 106 -7.91 4.20 4.43
CA TYR A 106 -6.75 3.32 4.43
C TYR A 106 -5.52 4.00 3.85
N ASP A 107 -5.36 5.29 4.15
CA ASP A 107 -4.26 6.08 3.62
C ASP A 107 -3.09 6.10 4.58
N TYR A 108 -1.88 6.07 4.02
CA TYR A 108 -0.66 6.11 4.82
C TYR A 108 0.51 6.43 3.89
N PHE A 109 1.67 6.67 4.50
CA PHE A 109 2.89 6.94 3.76
C PHE A 109 3.55 5.62 3.39
N ASP A 110 3.64 5.34 2.09
CA ASP A 110 4.16 4.06 1.63
C ASP A 110 5.59 4.12 1.12
N TYR A 111 6.07 5.30 0.73
CA TYR A 111 7.43 5.45 0.23
C TYR A 111 7.99 6.79 0.68
N TRP A 112 9.27 6.79 1.06
CA TRP A 112 9.94 7.97 1.59
C TRP A 112 11.15 8.31 0.74
N GLY A 113 11.51 9.60 0.73
CA GLY A 113 12.71 10.05 0.08
C GLY A 113 13.90 10.07 1.03
N GLN A 114 15.09 10.27 0.45
CA GLN A 114 16.30 10.28 1.26
C GLN A 114 16.36 11.49 2.17
N GLY A 115 16.04 12.66 1.64
CA GLY A 115 16.05 13.88 2.44
C GLY A 115 17.16 14.82 2.01
N THR A 116 16.84 16.11 2.00
CA THR A 116 17.78 17.14 1.59
C THR A 116 18.29 17.87 2.83
N THR A 117 19.60 17.80 3.06
CA THR A 117 20.23 18.47 4.21
C THR A 117 20.51 19.92 3.81
N LEU A 118 19.55 20.80 4.11
CA LEU A 118 19.63 22.19 3.72
C LEU A 118 20.31 23.00 4.82
N THR A 119 21.41 23.66 4.46
CA THR A 119 22.15 24.52 5.38
C THR A 119 22.23 25.91 4.79
N VAL A 120 21.71 26.90 5.52
CA VAL A 120 21.67 28.29 5.06
C VAL A 120 22.79 29.05 5.77
N SER A 121 23.77 29.51 5.01
CA SER A 121 24.87 30.28 5.57
C SER A 121 25.46 31.16 4.47
N SER A 122 25.95 32.33 4.88
CA SER A 122 26.56 33.27 3.93
C SER A 122 28.01 32.95 3.63
N ALA A 123 28.64 32.08 4.41
CA ALA A 123 30.04 31.75 4.18
C ALA A 123 30.21 30.95 2.90
N SER A 124 31.38 31.10 2.28
CA SER A 124 31.70 30.37 1.07
C SER A 124 32.11 28.94 1.40
N THR A 125 31.90 28.04 0.43
CA THR A 125 32.20 26.64 0.63
C THR A 125 33.69 26.36 0.39
N LYS A 126 34.23 25.43 1.18
CA LYS A 126 35.62 25.02 1.04
C LYS A 126 35.68 23.50 0.93
N GLY A 127 36.44 23.01 -0.04
CA GLY A 127 36.59 21.59 -0.25
C GLY A 127 37.40 20.91 0.84
N PRO A 128 37.21 19.61 1.01
CA PRO A 128 37.92 18.88 2.06
C PRO A 128 39.28 18.38 1.62
N SER A 129 40.17 18.25 2.61
CA SER A 129 41.45 17.58 2.45
C SER A 129 41.36 16.22 3.12
N VAL A 130 41.73 15.17 2.38
CA VAL A 130 41.57 13.79 2.84
C VAL A 130 42.95 13.24 3.15
N PHE A 131 43.15 12.81 4.39
CA PHE A 131 44.41 12.26 4.85
C PHE A 131 44.23 10.80 5.27
N PRO A 132 45.16 9.92 4.88
CA PRO A 132 44.98 8.49 5.19
C PRO A 132 45.37 8.17 6.63
N LEU A 133 44.49 7.44 7.31
CA LEU A 133 44.78 6.89 8.63
C LEU A 133 45.37 5.50 8.41
N ALA A 134 46.68 5.45 8.22
CA ALA A 134 47.34 4.23 7.78
C ALA A 134 47.31 3.17 8.87
N PRO A 135 47.18 1.90 8.50
CA PRO A 135 47.34 0.82 9.49
C PRO A 135 48.79 0.71 9.92
N SER A 136 48.99 0.40 11.20
CA SER A 136 50.33 0.35 11.77
C SER A 136 50.40 -0.83 12.75
N SER A 137 51.48 -0.88 13.52
CA SER A 137 51.59 -1.88 14.56
C SER A 137 50.67 -1.60 15.72
N LYS A 138 50.40 -0.33 15.99
CA LYS A 138 49.47 0.10 17.03
C LYS A 138 48.03 0.17 16.55
N SER A 139 47.74 -0.39 15.36
CA SER A 139 46.41 -0.32 14.76
C SER A 139 45.82 -1.70 14.50
N THR A 140 46.27 -2.71 15.23
CA THR A 140 45.77 -4.07 15.07
C THR A 140 45.36 -4.63 16.43
N SER A 141 44.41 -5.57 16.39
CA SER A 141 43.91 -6.20 17.61
C SER A 141 43.41 -7.60 17.26
N GLY A 142 44.25 -8.61 17.52
CA GLY A 142 43.86 -9.99 17.35
C GLY A 142 43.46 -10.37 15.94
N GLY A 143 44.41 -10.34 15.00
CA GLY A 143 44.15 -10.67 13.62
C GLY A 143 43.34 -9.67 12.85
N THR A 144 42.80 -8.64 13.51
CA THR A 144 42.05 -7.59 12.85
C THR A 144 42.88 -6.31 12.82
N ALA A 145 42.79 -5.58 11.72
CA ALA A 145 43.52 -4.33 11.54
C ALA A 145 42.55 -3.23 11.16
N ALA A 146 42.79 -2.03 11.69
CA ALA A 146 41.95 -0.88 11.43
C ALA A 146 42.69 0.14 10.59
N LEU A 147 42.04 0.61 9.53
CA LEU A 147 42.57 1.67 8.68
C LEU A 147 41.43 2.61 8.32
N GLY A 148 41.78 3.83 7.93
CA GLY A 148 40.75 4.80 7.62
C GLY A 148 41.29 6.00 6.88
N CYS A 149 40.40 6.97 6.67
CA CYS A 149 40.72 8.21 5.99
C CYS A 149 40.16 9.36 6.81
N LEU A 150 40.98 10.41 7.00
CA LEU A 150 40.58 11.58 7.79
C LEU A 150 40.16 12.69 6.83
N VAL A 151 38.88 13.02 6.84
CA VAL A 151 38.35 14.12 6.05
C VAL A 151 38.33 15.36 6.94
N LYS A 152 39.17 16.34 6.60
CA LYS A 152 39.41 17.48 7.48
C LYS A 152 39.30 18.79 6.70
N ASP A 153 38.93 19.85 7.44
CA ASP A 153 38.95 21.22 6.94
C ASP A 153 38.05 21.40 5.72
N TYR A 154 36.74 21.22 5.96
CA TYR A 154 35.74 21.43 4.92
C TYR A 154 34.52 22.13 5.52
N PHE A 155 33.68 22.66 4.63
CA PHE A 155 32.43 23.31 4.98
C PHE A 155 31.56 23.42 3.73
N PRO A 156 30.27 23.10 3.82
CA PRO A 156 29.60 22.59 5.01
C PRO A 156 29.33 21.08 4.95
N GLU A 157 28.66 20.57 5.99
CA GLU A 157 28.22 19.18 5.98
C GLU A 157 27.01 19.02 5.05
N PRO A 158 26.71 17.80 4.61
CA PRO A 158 27.41 16.53 4.88
C PRO A 158 28.39 16.12 3.78
N VAL A 159 29.35 15.29 4.14
CA VAL A 159 30.25 14.65 3.19
C VAL A 159 30.00 13.15 3.24
N THR A 160 30.02 12.50 2.09
CA THR A 160 29.79 11.07 1.97
C THR A 160 31.12 10.37 1.70
N VAL A 161 31.46 9.41 2.55
CA VAL A 161 32.74 8.70 2.47
C VAL A 161 32.43 7.22 2.31
N SER A 162 32.69 6.69 1.12
CA SER A 162 32.53 5.27 0.83
C SER A 162 33.89 4.62 0.64
N TRP A 163 33.90 3.29 0.68
CA TRP A 163 35.14 2.51 0.60
C TRP A 163 35.10 1.62 -0.63
N ASN A 164 36.19 1.67 -1.41
CA ASN A 164 36.33 0.84 -2.62
C ASN A 164 35.16 1.04 -3.58
N SER A 165 34.68 2.28 -3.66
CA SER A 165 33.50 2.63 -4.44
C SER A 165 32.29 1.78 -4.03
N GLY A 166 32.19 1.50 -2.74
CA GLY A 166 31.08 0.75 -2.20
C GLY A 166 31.27 -0.76 -2.16
N ALA A 167 32.42 -1.26 -2.60
CA ALA A 167 32.65 -2.70 -2.62
C ALA A 167 32.77 -3.31 -1.23
N LEU A 168 33.16 -2.52 -0.23
CA LEU A 168 33.36 -3.00 1.13
C LEU A 168 32.42 -2.26 2.06
N THR A 169 31.61 -3.00 2.79
CA THR A 169 30.64 -2.45 3.73
C THR A 169 30.79 -2.99 5.14
N SER A 170 31.09 -4.27 5.29
CA SER A 170 31.12 -4.89 6.61
C SER A 170 32.22 -4.28 7.47
N GLY A 171 31.82 -3.61 8.55
CA GLY A 171 32.76 -3.09 9.51
C GLY A 171 33.26 -1.69 9.25
N VAL A 172 32.48 -0.86 8.55
CA VAL A 172 32.87 0.52 8.31
C VAL A 172 32.30 1.39 9.43
N HIS A 173 33.02 2.48 9.75
CA HIS A 173 32.62 3.38 10.83
C HIS A 173 32.89 4.81 10.38
N THR A 174 31.84 5.52 9.98
CA THR A 174 31.91 6.93 9.62
C THR A 174 31.42 7.75 10.81
N PHE A 175 32.35 8.42 11.49
CA PHE A 175 32.03 9.14 12.71
C PHE A 175 31.39 10.49 12.39
N PRO A 176 30.53 11.00 13.28
CA PRO A 176 29.96 12.33 13.07
C PRO A 176 31.04 13.39 13.08
N ALA A 177 30.91 14.36 12.18
CA ALA A 177 31.89 15.42 12.06
C ALA A 177 31.80 16.38 13.23
N VAL A 178 32.96 16.88 13.66
CA VAL A 178 33.03 17.87 14.73
C VAL A 178 33.32 19.23 14.13
N LEU A 179 32.90 20.28 14.83
CA LEU A 179 33.10 21.65 14.38
C LEU A 179 34.43 22.17 14.91
N GLN A 180 35.33 22.52 14.00
CA GLN A 180 36.62 23.07 14.39
C GLN A 180 36.44 24.46 14.99
N SER A 181 37.50 24.93 15.66
CA SER A 181 37.50 26.29 16.17
C SER A 181 37.60 27.32 15.04
N SER A 182 38.08 26.91 13.87
CA SER A 182 38.16 27.79 12.72
C SER A 182 36.84 27.91 11.97
N GLY A 183 35.83 27.12 12.33
CA GLY A 183 34.56 27.15 11.66
C GLY A 183 34.35 26.05 10.63
N LEU A 184 35.26 25.10 10.53
CA LEU A 184 35.18 24.01 9.56
C LEU A 184 34.80 22.72 10.26
N TYR A 185 34.50 21.71 9.45
CA TYR A 185 34.15 20.38 9.93
C TYR A 185 35.28 19.39 9.61
N SER A 186 35.26 18.27 10.33
CA SER A 186 36.25 17.22 10.13
C SER A 186 35.74 15.94 10.75
N LEU A 187 35.90 14.83 10.03
CA LEU A 187 35.50 13.52 10.52
C LEU A 187 36.52 12.49 10.05
N SER A 188 36.34 11.25 10.53
CA SER A 188 37.16 10.12 10.10
C SER A 188 36.25 8.94 9.79
N SER A 189 36.66 8.15 8.79
CA SER A 189 35.93 6.96 8.38
C SER A 189 36.87 5.77 8.46
N VAL A 190 36.64 4.91 9.46
CA VAL A 190 37.55 3.80 9.75
C VAL A 190 36.84 2.48 9.47
N VAL A 191 37.62 1.47 9.11
CA VAL A 191 37.12 0.13 8.84
C VAL A 191 38.07 -0.88 9.49
N THR A 192 37.50 -1.96 10.04
CA THR A 192 38.28 -3.05 10.61
C THR A 192 38.38 -4.16 9.58
N VAL A 193 39.60 -4.47 9.16
CA VAL A 193 39.84 -5.43 8.09
C VAL A 193 40.77 -6.50 8.62
N PRO A 194 40.80 -7.68 7.99
CA PRO A 194 41.77 -8.70 8.39
C PRO A 194 43.20 -8.24 8.14
N SER A 195 44.11 -8.72 8.99
CA SER A 195 45.50 -8.31 8.90
C SER A 195 46.26 -9.09 7.84
N SER A 196 45.95 -10.38 7.70
CA SER A 196 46.68 -11.22 6.75
C SER A 196 46.44 -10.77 5.30
N SER A 197 45.30 -10.15 5.02
CA SER A 197 44.98 -9.69 3.68
C SER A 197 45.45 -8.27 3.40
N LEU A 198 46.29 -7.70 4.27
CA LEU A 198 46.76 -6.34 4.07
C LEU A 198 47.80 -6.24 2.97
N GLY A 199 48.41 -7.35 2.58
CA GLY A 199 49.42 -7.32 1.54
C GLY A 199 48.86 -7.54 0.15
N THR A 200 47.67 -8.15 0.07
CA THR A 200 47.05 -8.46 -1.21
C THR A 200 45.86 -7.58 -1.54
N GLN A 201 45.12 -7.12 -0.55
CA GLN A 201 43.93 -6.30 -0.79
C GLN A 201 44.31 -4.82 -0.89
N THR A 202 43.45 -4.07 -1.58
CA THR A 202 43.62 -2.64 -1.74
C THR A 202 42.41 -1.92 -1.12
N TYR A 203 42.69 -0.90 -0.32
CA TYR A 203 41.64 -0.16 0.38
C TYR A 203 41.71 1.30 -0.03
N ILE A 204 40.80 1.72 -0.90
CA ILE A 204 40.72 3.09 -1.38
C ILE A 204 39.41 3.69 -0.87
N CYS A 205 39.53 4.78 -0.10
CA CYS A 205 38.36 5.50 0.38
C CYS A 205 37.92 6.51 -0.66
N ASN A 206 36.63 6.51 -0.97
CA ASN A 206 36.05 7.43 -1.96
C ASN A 206 35.30 8.52 -1.22
N VAL A 207 35.96 9.65 -1.00
CA VAL A 207 35.36 10.80 -0.34
C VAL A 207 34.74 11.69 -1.39
N ASN A 208 33.50 12.12 -1.15
CA ASN A 208 32.74 12.90 -2.11
C ASN A 208 32.09 14.08 -1.40
N HIS A 209 32.47 15.29 -1.78
CA HIS A 209 31.89 16.51 -1.21
C HIS A 209 31.25 17.28 -2.37
N LYS A 210 29.97 16.99 -2.62
CA LYS A 210 29.26 17.64 -3.72
C LYS A 210 29.10 19.14 -3.55
N PRO A 211 28.84 19.69 -2.35
CA PRO A 211 28.72 21.16 -2.25
C PRO A 211 29.92 21.93 -2.77
N SER A 212 31.13 21.40 -2.65
CA SER A 212 32.32 22.01 -3.22
C SER A 212 32.69 21.42 -4.57
N ASN A 213 31.98 20.37 -5.02
CA ASN A 213 32.20 19.74 -6.31
C ASN A 213 33.64 19.24 -6.44
N THR A 214 34.15 18.64 -5.37
CA THR A 214 35.48 18.02 -5.37
C THR A 214 35.36 16.62 -4.78
N LYS A 215 35.88 15.64 -5.51
CA LYS A 215 35.78 14.22 -5.14
C LYS A 215 37.20 13.66 -5.05
N VAL A 216 37.61 13.30 -3.84
CA VAL A 216 38.96 12.81 -3.58
C VAL A 216 38.87 11.32 -3.29
N ASP A 217 39.73 10.53 -3.95
CA ASP A 217 39.85 9.10 -3.73
C ASP A 217 41.29 8.82 -3.32
N LYS A 218 41.51 8.67 -2.02
CA LYS A 218 42.84 8.52 -1.46
C LYS A 218 43.08 7.05 -1.07
N ARG A 219 44.16 6.48 -1.60
CA ARG A 219 44.53 5.11 -1.25
C ARG A 219 45.36 5.12 0.03
N VAL A 220 44.98 4.25 0.97
CA VAL A 220 45.65 4.15 2.26
C VAL A 220 46.32 2.78 2.35
N GLU A 221 47.58 2.78 2.77
CA GLU A 221 48.38 1.56 2.85
C GLU A 221 49.18 1.55 4.15
N PRO A 222 49.76 0.40 4.56
CA PRO A 222 50.56 0.38 5.79
C PRO A 222 51.79 1.27 5.74
N LYS A 223 52.52 1.32 6.85
CA LYS A 223 53.70 2.18 7.02
C LYS A 223 53.32 3.65 6.86
N ASP B 1 -2.46 22.17 15.86
CA ASP B 1 -3.33 22.53 16.97
C ASP B 1 -3.41 21.41 18.00
N ILE B 2 -3.55 20.17 17.51
CA ILE B 2 -3.60 19.00 18.38
C ILE B 2 -2.18 18.65 18.80
N LYS B 3 -1.98 18.46 20.10
CA LYS B 3 -0.67 18.17 20.65
C LYS B 3 -0.59 16.69 21.04
N MET B 4 0.41 16.00 20.51
CA MET B 4 0.66 14.60 20.81
C MET B 4 1.84 14.50 21.77
N THR B 5 1.61 13.88 22.92
CA THR B 5 2.64 13.70 23.95
C THR B 5 2.94 12.21 24.08
N GLN B 6 4.22 11.86 23.94
CA GLN B 6 4.68 10.49 24.05
C GLN B 6 5.40 10.27 25.38
N SER B 7 5.53 9.00 25.75
CA SER B 7 6.23 8.62 26.97
C SER B 7 6.54 7.14 26.91
N PRO B 8 7.76 6.71 27.25
CA PRO B 8 8.85 7.59 27.67
C PRO B 8 9.59 8.21 26.48
N SER B 9 10.23 9.36 26.70
CA SER B 9 10.99 10.00 25.65
C SER B 9 12.27 9.22 25.35
N SER B 10 12.98 8.81 26.38
CA SER B 10 14.15 7.95 26.25
C SER B 10 13.99 6.75 27.16
N MET B 11 14.49 5.60 26.71
CA MET B 11 14.33 4.38 27.49
C MET B 11 15.32 3.33 27.00
N TYR B 12 15.83 2.55 27.94
CA TYR B 12 16.65 1.38 27.66
C TYR B 12 15.78 0.12 27.62
N ALA B 13 16.35 -0.95 27.08
CA ALA B 13 15.64 -2.23 27.01
C ALA B 13 16.61 -3.32 26.62
N SER B 14 16.27 -4.55 26.99
CA SER B 14 17.07 -5.72 26.68
C SER B 14 16.57 -6.36 25.39
N LEU B 15 17.21 -7.47 25.00
CA LEU B 15 16.78 -8.21 23.81
C LEU B 15 15.64 -9.15 24.18
N GLY B 16 14.65 -9.23 23.29
CA GLY B 16 13.50 -10.08 23.49
C GLY B 16 12.48 -9.54 24.48
N GLU B 17 12.71 -8.37 25.06
CA GLU B 17 11.78 -7.79 26.01
C GLU B 17 10.55 -7.24 25.29
N ARG B 18 9.39 -7.41 25.92
CA ARG B 18 8.13 -6.89 25.38
C ARG B 18 7.98 -5.45 25.85
N VAL B 19 8.26 -4.51 24.94
CA VAL B 19 8.26 -3.08 25.25
C VAL B 19 7.08 -2.42 24.55
N THR B 20 6.40 -1.54 25.29
CA THR B 20 5.27 -0.76 24.76
C THR B 20 5.51 0.71 25.03
N ILE B 21 5.19 1.54 24.04
CA ILE B 21 5.25 2.99 24.18
C ILE B 21 3.88 3.56 23.85
N THR B 22 3.58 4.73 24.40
CA THR B 22 2.26 5.32 24.32
C THR B 22 2.31 6.64 23.56
N CYS B 23 1.20 6.95 22.88
CA CYS B 23 1.04 8.21 22.14
C CYS B 23 -0.36 8.73 22.43
N LYS B 24 -0.46 9.68 23.34
CA LYS B 24 -1.74 10.24 23.78
C LYS B 24 -2.02 11.54 23.04
N ALA B 25 -3.25 11.68 22.55
CA ALA B 25 -3.65 12.84 21.78
C ALA B 25 -4.37 13.86 22.66
N SER B 26 -4.23 15.14 22.29
CA SER B 26 -4.94 16.19 23.01
C SER B 26 -6.43 16.20 22.68
N GLN B 27 -6.84 15.58 21.58
CA GLN B 27 -8.25 15.46 21.23
C GLN B 27 -8.59 14.00 20.94
N ASP B 28 -9.79 13.76 20.44
CA ASP B 28 -10.23 12.42 20.04
C ASP B 28 -10.04 12.31 18.53
N ILE B 29 -8.98 11.62 18.11
CA ILE B 29 -8.63 11.55 16.69
C ILE B 29 -9.24 10.35 15.98
N ASN B 30 -10.02 9.53 16.70
CA ASN B 30 -10.79 8.43 16.10
C ASN B 30 -9.88 7.45 15.35
N SER B 31 -8.90 6.92 16.07
CA SER B 31 -8.00 5.88 15.61
C SER B 31 -7.18 6.27 14.38
N TYR B 32 -7.19 7.55 14.02
CA TYR B 32 -6.43 8.02 12.86
C TYR B 32 -5.02 8.42 13.30
N LEU B 33 -4.23 7.41 13.62
CA LEU B 33 -2.87 7.59 14.10
C LEU B 33 -1.95 6.59 13.43
N SER B 34 -0.78 7.05 13.00
CA SER B 34 0.23 6.20 12.39
C SER B 34 1.51 6.23 13.22
N TRP B 35 2.25 5.14 13.16
CA TRP B 35 3.51 4.99 13.88
C TRP B 35 4.68 4.98 12.90
N PHE B 36 5.67 5.85 13.14
CA PHE B 36 6.87 5.90 12.33
C PHE B 36 8.07 5.52 13.18
N GLN B 37 9.10 4.99 12.51
CA GLN B 37 10.34 4.61 13.17
C GLN B 37 11.51 5.01 12.29
N GLN B 38 12.46 5.76 12.88
CA GLN B 38 13.58 6.31 12.14
C GLN B 38 14.89 5.95 12.84
N LYS B 39 15.91 5.65 12.05
CA LYS B 39 17.29 5.43 12.46
C LYS B 39 18.10 6.71 12.22
N PRO B 40 19.15 6.93 13.01
CA PRO B 40 19.84 8.23 12.99
C PRO B 40 20.36 8.59 11.59
N GLY B 41 19.94 9.75 11.11
CA GLY B 41 20.40 10.29 9.85
C GLY B 41 19.77 9.68 8.61
N LYS B 42 18.85 8.74 8.76
CA LYS B 42 18.25 8.05 7.63
C LYS B 42 16.78 8.41 7.50
N SER B 43 16.18 7.94 6.41
CA SER B 43 14.79 8.24 6.13
C SER B 43 13.88 7.46 7.06
N PRO B 44 12.73 8.03 7.44
CA PRO B 44 11.79 7.31 8.30
C PRO B 44 11.05 6.24 7.52
N LYS B 45 10.56 5.24 8.28
CA LYS B 45 9.77 4.14 7.72
C LYS B 45 8.42 4.09 8.41
N THR B 46 7.37 3.81 7.63
CA THR B 46 6.04 3.69 8.19
C THR B 46 5.83 2.28 8.74
N LEU B 47 5.42 2.21 10.00
CA LEU B 47 5.21 0.93 10.67
C LEU B 47 3.73 0.53 10.69
N ILE B 48 2.87 1.40 11.24
CA ILE B 48 1.46 1.11 11.42
C ILE B 48 0.66 2.31 10.94
N TYR B 49 -0.48 2.06 10.32
CA TYR B 49 -1.44 3.10 9.97
C TYR B 49 -2.79 2.78 10.61
N ARG B 50 -3.52 3.84 10.96
CA ARG B 50 -4.77 3.76 11.71
C ARG B 50 -4.59 3.03 13.04
N ALA B 51 -3.33 2.98 13.51
CA ALA B 51 -2.95 2.59 14.86
C ALA B 51 -3.06 1.09 15.14
N ASN B 52 -3.56 0.31 14.19
CA ASN B 52 -3.66 -1.13 14.42
C ASN B 52 -3.38 -2.00 13.20
N ARG B 53 -2.93 -1.44 12.08
CA ARG B 53 -2.78 -2.20 10.84
C ARG B 53 -1.34 -2.12 10.36
N LEU B 54 -0.79 -3.28 10.00
CA LEU B 54 0.62 -3.38 9.63
C LEU B 54 0.85 -2.99 8.18
N VAL B 55 1.98 -2.35 7.92
CA VAL B 55 2.44 -2.09 6.56
C VAL B 55 3.19 -3.31 6.05
N ASP B 56 3.11 -3.53 4.73
CA ASP B 56 3.82 -4.67 4.14
C ASP B 56 5.32 -4.55 4.37
N GLY B 57 5.90 -5.61 4.90
CA GLY B 57 7.31 -5.64 5.26
C GLY B 57 7.58 -5.42 6.73
N VAL B 58 6.61 -4.89 7.47
CA VAL B 58 6.79 -4.68 8.91
C VAL B 58 6.84 -6.04 9.60
N PRO B 59 7.80 -6.28 10.49
CA PRO B 59 7.87 -7.59 11.17
C PRO B 59 6.60 -7.88 11.95
N SER B 60 6.31 -9.17 12.11
CA SER B 60 5.11 -9.61 12.80
C SER B 60 5.10 -9.24 14.28
N ARG B 61 6.25 -8.85 14.85
CA ARG B 61 6.32 -8.51 16.26
C ARG B 61 5.75 -7.13 16.56
N PHE B 62 5.71 -6.23 15.58
CA PHE B 62 5.13 -4.92 15.80
C PHE B 62 3.60 -5.02 15.86
N SER B 63 3.03 -4.48 16.93
CA SER B 63 1.59 -4.51 17.15
C SER B 63 1.09 -3.13 17.52
N GLY B 64 -0.14 -2.83 17.14
CA GLY B 64 -0.77 -1.57 17.44
C GLY B 64 -2.06 -1.76 18.22
N SER B 65 -2.40 -0.77 19.03
CA SER B 65 -3.58 -0.84 19.88
C SER B 65 -3.98 0.58 20.27
N GLY B 66 -5.20 0.70 20.79
CA GLY B 66 -5.68 1.98 21.29
C GLY B 66 -6.89 2.53 20.56
N SER B 67 -7.60 3.45 21.20
CA SER B 67 -8.75 4.12 20.61
C SER B 67 -9.00 5.40 21.38
N GLY B 68 -9.72 6.31 20.73
CA GLY B 68 -10.03 7.58 21.36
C GLY B 68 -8.83 8.50 21.46
N GLN B 69 -8.32 8.68 22.68
CA GLN B 69 -7.19 9.57 22.92
C GLN B 69 -5.86 8.83 23.09
N ASP B 70 -5.87 7.60 23.58
CA ASP B 70 -4.66 6.88 23.92
C ASP B 70 -4.43 5.73 22.95
N TYR B 71 -3.17 5.54 22.55
CA TYR B 71 -2.78 4.47 21.65
C TYR B 71 -1.42 3.95 22.08
N SER B 72 -1.11 2.72 21.66
CA SER B 72 0.12 2.06 22.08
C SER B 72 0.76 1.35 20.89
N LEU B 73 2.08 1.19 20.98
CA LEU B 73 2.87 0.44 20.01
C LEU B 73 3.74 -0.56 20.76
N THR B 74 3.57 -1.84 20.47
CA THR B 74 4.25 -2.90 21.20
C THR B 74 5.15 -3.69 20.27
N ILE B 75 6.28 -4.16 20.82
CA ILE B 75 7.19 -5.06 20.12
C ILE B 75 7.23 -6.37 20.90
N SER B 76 7.02 -7.48 20.20
CA SER B 76 6.92 -8.78 20.86
C SER B 76 8.26 -9.19 21.47
N SER B 77 9.28 -9.37 20.63
CA SER B 77 10.61 -9.74 21.08
C SER B 77 11.58 -8.72 20.50
N LEU B 78 12.06 -7.81 21.36
CA LEU B 78 12.95 -6.75 20.90
C LEU B 78 14.26 -7.34 20.40
N GLU B 79 14.63 -6.96 19.18
CA GLU B 79 15.87 -7.41 18.55
C GLU B 79 16.74 -6.21 18.22
N TYR B 80 18.00 -6.50 17.87
CA TYR B 80 19.00 -5.45 17.67
C TYR B 80 18.71 -4.56 16.48
N GLU B 81 17.70 -4.86 15.68
CA GLU B 81 17.37 -4.07 14.50
C GLU B 81 16.25 -3.07 14.73
N ASP B 82 15.57 -3.13 15.87
CA ASP B 82 14.42 -2.28 16.15
C ASP B 82 14.78 -1.00 16.88
N MET B 83 16.07 -0.67 16.99
CA MET B 83 16.48 0.52 17.70
C MET B 83 16.16 1.77 16.88
N GLY B 84 16.48 2.93 17.45
CA GLY B 84 16.20 4.20 16.79
C GLY B 84 15.23 5.06 17.58
N ILE B 85 14.57 6.00 16.89
CA ILE B 85 13.60 6.90 17.51
C ILE B 85 12.25 6.66 16.84
N TYR B 86 11.20 6.49 17.64
CA TYR B 86 9.87 6.20 17.16
C TYR B 86 8.99 7.45 17.27
N TYR B 87 8.33 7.80 16.18
CA TYR B 87 7.43 8.95 16.14
C TYR B 87 6.02 8.49 15.79
N CYS B 88 5.03 9.12 16.43
CA CYS B 88 3.63 8.89 16.11
C CYS B 88 3.04 10.14 15.48
N LEU B 89 2.20 9.96 14.46
CA LEU B 89 1.63 11.05 13.71
C LEU B 89 0.13 10.85 13.54
N GLN B 90 -0.65 11.80 14.05
CA GLN B 90 -2.09 11.81 13.82
C GLN B 90 -2.37 12.55 12.52
N TYR B 91 -3.24 11.98 11.68
CA TYR B 91 -3.60 12.59 10.41
C TYR B 91 -5.12 12.71 10.29
N ASP B 92 -5.79 12.98 11.40
CA ASP B 92 -7.23 13.18 11.38
C ASP B 92 -7.62 14.64 11.22
N GLU B 93 -6.82 15.56 11.76
CA GLU B 93 -7.11 16.99 11.70
C GLU B 93 -5.95 17.73 11.07
N PHE B 94 -6.27 18.83 10.39
CA PHE B 94 -5.27 19.75 9.86
C PHE B 94 -4.90 20.79 10.92
N PRO B 95 -3.61 21.05 11.16
CA PRO B 95 -2.49 20.37 10.50
C PRO B 95 -2.04 19.11 11.23
N TYR B 96 -1.32 18.25 10.53
CA TYR B 96 -0.79 17.04 11.17
C TYR B 96 0.31 17.41 12.16
N THR B 97 0.36 16.69 13.28
CA THR B 97 1.30 16.97 14.35
C THR B 97 1.94 15.66 14.82
N PHE B 98 3.26 15.65 14.89
CA PHE B 98 4.01 14.51 15.38
C PHE B 98 4.20 14.62 16.90
N GLY B 99 4.89 13.62 17.47
CA GLY B 99 5.22 13.62 18.87
C GLY B 99 6.66 14.03 19.12
N GLY B 100 7.01 14.09 20.40
CA GLY B 100 8.37 14.45 20.79
C GLY B 100 9.40 13.41 20.45
N GLY B 101 8.99 12.20 20.15
CA GLY B 101 9.90 11.13 19.81
C GLY B 101 10.14 10.18 20.97
N THR B 102 10.48 8.94 20.64
CA THR B 102 10.76 7.90 21.63
C THR B 102 12.04 7.18 21.20
N LYS B 103 13.15 7.51 21.86
CA LYS B 103 14.44 6.91 21.53
C LYS B 103 14.58 5.57 22.22
N LEU B 104 14.73 4.50 21.43
CA LEU B 104 14.89 3.15 21.94
C LEU B 104 16.36 2.77 21.84
N GLU B 105 17.01 2.58 22.99
CA GLU B 105 18.42 2.21 23.06
C GLU B 105 18.53 0.81 23.65
N ILE B 106 19.35 -0.02 23.04
CA ILE B 106 19.47 -1.43 23.40
C ILE B 106 20.48 -1.60 24.51
N LYS B 107 20.12 -2.42 25.51
CA LYS B 107 21.01 -2.78 26.60
C LYS B 107 21.60 -4.17 26.35
N ARG B 108 22.91 -4.29 26.51
CA ARG B 108 23.59 -5.56 26.30
C ARG B 108 24.60 -5.75 27.43
N THR B 109 25.42 -6.79 27.31
CA THR B 109 26.47 -7.04 28.28
C THR B 109 27.59 -6.01 28.13
N VAL B 110 28.38 -5.85 29.20
CA VAL B 110 29.48 -4.90 29.17
C VAL B 110 30.51 -5.34 28.14
N ALA B 111 30.99 -4.38 27.35
CA ALA B 111 31.95 -4.64 26.30
C ALA B 111 33.15 -3.72 26.45
N ALA B 112 34.35 -4.26 26.22
CA ALA B 112 35.59 -3.50 26.31
C ALA B 112 35.92 -2.87 24.96
N PRO B 113 36.47 -1.65 24.95
CA PRO B 113 36.78 -0.99 23.69
C PRO B 113 38.06 -1.51 23.06
N SER B 114 38.03 -1.67 21.74
CA SER B 114 39.23 -2.01 20.98
C SER B 114 39.97 -0.71 20.67
N VAL B 115 41.05 -0.46 21.41
CA VAL B 115 41.73 0.83 21.36
C VAL B 115 42.80 0.78 20.28
N PHE B 116 42.70 1.69 19.32
CA PHE B 116 43.69 1.87 18.28
C PHE B 116 44.16 3.32 18.28
N ILE B 117 45.31 3.55 17.64
CA ILE B 117 45.87 4.90 17.54
C ILE B 117 46.64 5.00 16.24
N PHE B 118 46.40 6.07 15.47
CA PHE B 118 47.04 6.28 14.19
C PHE B 118 47.94 7.51 14.22
N PRO B 119 49.15 7.42 13.68
CA PRO B 119 50.01 8.59 13.58
C PRO B 119 49.51 9.53 12.49
N PRO B 120 49.93 10.79 12.52
CA PRO B 120 49.52 11.72 11.47
C PRO B 120 50.09 11.32 10.12
N SER B 121 49.31 11.56 9.07
CA SER B 121 49.73 11.19 7.73
C SER B 121 50.91 12.04 7.28
N ASP B 122 51.67 11.51 6.33
CA ASP B 122 52.81 12.24 5.80
C ASP B 122 52.37 13.42 4.95
N GLU B 123 51.24 13.29 4.25
CA GLU B 123 50.73 14.40 3.44
C GLU B 123 50.29 15.56 4.31
N GLN B 124 49.81 15.30 5.53
CA GLN B 124 49.36 16.38 6.40
C GLN B 124 50.53 17.18 6.95
N LEU B 125 51.65 16.51 7.25
CA LEU B 125 52.82 17.22 7.75
C LEU B 125 53.40 18.15 6.69
N LYS B 126 53.19 17.84 5.41
CA LYS B 126 53.63 18.74 4.35
C LYS B 126 52.78 20.00 4.28
N SER B 127 51.61 20.00 4.91
CA SER B 127 50.74 21.17 4.93
C SER B 127 51.00 22.08 6.14
N GLY B 128 51.45 21.52 7.25
CA GLY B 128 51.75 22.29 8.44
C GLY B 128 51.01 21.87 9.69
N THR B 129 50.10 20.91 9.61
CA THR B 129 49.35 20.43 10.77
C THR B 129 49.61 18.95 10.98
N ALA B 130 49.25 18.46 12.16
CA ALA B 130 49.42 17.05 12.52
C ALA B 130 48.18 16.61 13.28
N SER B 131 47.51 15.56 12.78
CA SER B 131 46.30 15.03 13.38
C SER B 131 46.58 13.62 13.87
N VAL B 132 46.58 13.43 15.18
CA VAL B 132 46.72 12.11 15.80
C VAL B 132 45.35 11.63 16.23
N VAL B 133 44.98 10.42 15.81
CA VAL B 133 43.65 9.89 16.03
C VAL B 133 43.75 8.69 16.96
N CYS B 134 43.03 8.74 18.08
CA CYS B 134 42.89 7.61 18.98
C CYS B 134 41.51 7.01 18.78
N LEU B 135 41.46 5.70 18.55
CA LEU B 135 40.26 5.02 18.09
C LEU B 135 39.73 4.07 19.16
N LEU B 136 38.41 4.11 19.38
CA LEU B 136 37.73 3.20 20.30
C LEU B 136 36.61 2.53 19.52
N ASN B 137 36.77 1.24 19.22
CA ASN B 137 35.81 0.49 18.42
C ASN B 137 35.09 -0.55 19.26
N ASN B 138 33.78 -0.67 19.03
CA ASN B 138 32.97 -1.80 19.50
C ASN B 138 33.03 -1.94 21.04
N PHE B 139 32.46 -0.94 21.71
CA PHE B 139 32.31 -0.97 23.15
C PHE B 139 30.89 -0.55 23.54
N TYR B 140 30.52 -0.92 24.77
CA TYR B 140 29.25 -0.56 25.38
C TYR B 140 29.43 -0.65 26.88
N PRO B 141 28.88 0.28 27.67
CA PRO B 141 28.02 1.42 27.30
C PRO B 141 28.76 2.56 26.64
N ARG B 142 28.02 3.61 26.27
CA ARG B 142 28.62 4.74 25.55
C ARG B 142 29.57 5.53 26.43
N GLU B 143 29.30 5.61 27.73
CA GLU B 143 30.09 6.45 28.64
C GLU B 143 31.52 5.97 28.73
N ALA B 144 32.45 6.70 28.11
CA ALA B 144 33.87 6.36 28.12
C ALA B 144 34.68 7.64 28.21
N LYS B 145 35.78 7.59 28.95
CA LYS B 145 36.65 8.73 29.16
C LYS B 145 37.98 8.47 28.45
N VAL B 146 38.36 9.38 27.56
CA VAL B 146 39.61 9.30 26.83
C VAL B 146 40.47 10.50 27.22
N GLN B 147 41.75 10.26 27.49
CA GLN B 147 42.68 11.31 27.91
C GLN B 147 43.92 11.23 27.05
N TRP B 148 44.29 12.36 26.45
CA TRP B 148 45.50 12.43 25.63
C TRP B 148 46.70 12.83 26.48
N LYS B 149 47.82 12.14 26.26
CA LYS B 149 49.06 12.41 26.98
C LYS B 149 50.21 12.44 26.00
N VAL B 150 50.95 13.54 25.96
CA VAL B 150 52.14 13.67 25.13
C VAL B 150 53.35 13.81 26.06
N ASP B 151 54.37 13.00 25.80
CA ASP B 151 55.56 12.94 26.65
C ASP B 151 55.20 12.79 28.12
N ASN B 152 54.21 11.94 28.39
CA ASN B 152 53.68 11.67 29.72
C ASN B 152 53.04 12.90 30.37
N ALA B 153 52.84 13.97 29.62
CA ALA B 153 52.21 15.19 30.14
C ALA B 153 50.78 15.26 29.63
N LEU B 154 49.84 15.40 30.56
CA LEU B 154 48.42 15.45 30.20
C LEU B 154 48.13 16.73 29.42
N GLN B 155 47.43 16.58 28.30
CA GLN B 155 47.07 17.70 27.44
C GLN B 155 45.57 17.93 27.46
N SER B 156 45.17 19.19 27.44
CA SER B 156 43.76 19.57 27.42
C SER B 156 43.62 20.92 26.75
N GLY B 157 42.80 20.99 25.71
CA GLY B 157 42.57 22.25 25.03
C GLY B 157 42.60 22.16 23.52
N ASN B 158 42.96 20.98 23.00
CA ASN B 158 43.10 20.82 21.55
C ASN B 158 42.56 19.49 21.04
N SER B 159 41.72 18.81 21.82
CA SER B 159 41.20 17.50 21.45
C SER B 159 39.71 17.59 21.14
N GLN B 160 39.27 16.80 20.17
CA GLN B 160 37.87 16.73 19.76
C GLN B 160 37.45 15.28 19.69
N GLU B 161 36.33 14.94 20.31
CA GLU B 161 35.82 13.58 20.34
C GLU B 161 34.54 13.47 19.52
N SER B 162 34.18 12.22 19.20
CA SER B 162 32.97 11.95 18.44
C SER B 162 32.63 10.47 18.60
N VAL B 163 31.39 10.19 19.01
CA VAL B 163 30.90 8.83 19.19
C VAL B 163 29.72 8.63 18.26
N THR B 164 29.73 7.51 17.52
CA THR B 164 28.68 7.23 16.55
C THR B 164 27.40 6.79 17.23
N GLU B 165 26.37 6.57 16.43
CA GLU B 165 25.13 5.99 16.92
C GLU B 165 25.37 4.55 17.37
N GLN B 166 24.39 3.99 18.07
CA GLN B 166 24.49 2.61 18.51
C GLN B 166 24.44 1.69 17.30
N ASP B 167 25.35 0.72 17.25
CA ASP B 167 25.48 -0.13 16.07
C ASP B 167 24.21 -0.95 15.86
N SER B 168 23.86 -1.14 14.59
CA SER B 168 22.65 -1.88 14.25
C SER B 168 22.84 -3.38 14.33
N LYS B 169 24.08 -3.87 14.26
CA LYS B 169 24.37 -5.29 14.27
C LYS B 169 24.88 -5.80 15.61
N ASP B 170 25.77 -5.06 16.27
CA ASP B 170 26.36 -5.48 17.53
C ASP B 170 25.88 -4.66 18.72
N SER B 171 25.05 -3.64 18.50
CA SER B 171 24.49 -2.82 19.57
C SER B 171 25.58 -2.16 20.41
N THR B 172 26.59 -1.63 19.74
CA THR B 172 27.75 -1.06 20.42
C THR B 172 28.00 0.35 19.90
N TYR B 173 28.68 1.13 20.73
CA TYR B 173 29.11 2.48 20.38
C TYR B 173 30.58 2.47 20.01
N SER B 174 30.98 3.41 19.16
CA SER B 174 32.37 3.56 18.75
C SER B 174 32.74 5.03 18.81
N LEU B 175 33.90 5.32 19.41
CA LEU B 175 34.34 6.69 19.63
C LEU B 175 35.62 6.96 18.87
N SER B 176 35.80 8.23 18.48
CA SER B 176 37.00 8.67 17.78
C SER B 176 37.41 10.03 18.33
N SER B 177 38.64 10.12 18.82
CA SER B 177 39.20 11.36 19.37
C SER B 177 40.27 11.87 18.43
N THR B 178 40.23 13.18 18.16
CA THR B 178 41.16 13.82 17.24
C THR B 178 42.00 14.85 18.00
N LEU B 179 43.31 14.68 17.98
CA LEU B 179 44.24 15.64 18.55
C LEU B 179 45.01 16.30 17.41
N THR B 180 44.85 17.61 17.28
CA THR B 180 45.46 18.38 16.18
C THR B 180 46.48 19.34 16.77
N LEU B 181 47.72 19.25 16.29
CA LEU B 181 48.80 20.14 16.68
C LEU B 181 49.44 20.73 15.44
N SER B 182 50.15 21.83 15.63
CA SER B 182 50.97 22.38 14.55
C SER B 182 52.13 21.43 14.28
N LYS B 183 52.68 21.55 13.06
CA LYS B 183 53.76 20.65 12.65
C LYS B 183 54.98 20.81 13.55
N ALA B 184 55.27 22.05 13.96
CA ALA B 184 56.45 22.28 14.79
C ALA B 184 56.28 21.68 16.17
N ASP B 185 55.10 21.82 16.78
CA ASP B 185 54.89 21.32 18.13
C ASP B 185 54.79 19.80 18.17
N TYR B 186 54.32 19.19 17.08
CA TYR B 186 54.27 17.73 17.04
C TYR B 186 55.68 17.13 16.98
N GLU B 187 56.59 17.80 16.28
CA GLU B 187 57.98 17.36 16.19
C GLU B 187 58.81 17.78 17.39
N LYS B 188 58.19 18.34 18.42
CA LYS B 188 58.89 18.73 19.63
C LYS B 188 58.88 17.65 20.70
N HIS B 189 57.96 16.68 20.61
CA HIS B 189 57.80 15.64 21.61
C HIS B 189 58.02 14.28 20.97
N LYS B 190 58.22 13.27 21.81
CA LYS B 190 58.62 11.94 21.35
C LYS B 190 57.51 10.91 21.49
N VAL B 191 56.97 10.71 22.69
CA VAL B 191 55.97 9.68 22.93
C VAL B 191 54.59 10.32 23.01
N TYR B 192 53.66 9.82 22.20
CA TYR B 192 52.31 10.33 22.13
C TYR B 192 51.35 9.19 22.46
N ALA B 193 50.56 9.37 23.52
CA ALA B 193 49.66 8.33 24.01
C ALA B 193 48.25 8.88 24.18
N CYS B 194 47.31 7.97 24.31
CA CYS B 194 45.93 8.30 24.65
C CYS B 194 45.43 7.29 25.67
N GLU B 195 45.08 7.76 26.86
CA GLU B 195 44.61 6.90 27.94
C GLU B 195 43.12 6.68 27.80
N VAL B 196 42.71 5.42 27.67
CA VAL B 196 41.30 5.04 27.55
C VAL B 196 40.87 4.42 28.87
N THR B 197 40.04 5.14 29.62
CA THR B 197 39.46 4.65 30.87
C THR B 197 37.97 4.43 30.65
N HIS B 198 37.53 3.19 30.84
CA HIS B 198 36.16 2.80 30.56
C HIS B 198 35.67 1.82 31.62
N GLN B 199 34.35 1.67 31.70
CA GLN B 199 33.77 0.74 32.67
C GLN B 199 34.19 -0.69 32.39
N GLY B 200 34.14 -1.10 31.12
CA GLY B 200 34.50 -2.46 30.74
C GLY B 200 35.94 -2.85 30.95
N LEU B 201 36.75 -1.96 31.51
CA LEU B 201 38.16 -2.24 31.78
C LEU B 201 38.45 -1.90 33.24
N SER B 202 39.00 -2.87 33.98
CA SER B 202 39.34 -2.62 35.37
C SER B 202 40.49 -1.63 35.49
N SER B 203 41.35 -1.56 34.47
CA SER B 203 42.50 -0.67 34.46
C SER B 203 42.49 0.14 33.17
N PRO B 204 42.99 1.38 33.22
CA PRO B 204 43.06 2.19 32.01
C PRO B 204 43.95 1.55 30.96
N VAL B 205 43.46 1.53 29.72
CA VAL B 205 44.19 0.96 28.58
C VAL B 205 44.88 2.10 27.84
N THR B 206 46.18 1.98 27.65
CA THR B 206 47.01 3.02 27.05
C THR B 206 47.62 2.51 25.76
N LYS B 207 47.50 3.29 24.69
CA LYS B 207 48.15 3.02 23.42
C LYS B 207 49.02 4.21 23.04
N SER B 208 50.33 3.98 22.97
CA SER B 208 51.29 5.03 22.71
C SER B 208 52.11 4.70 21.46
N PHE B 209 52.87 5.70 21.00
CA PHE B 209 53.75 5.53 19.86
C PHE B 209 54.74 6.68 19.83
N ASN B 210 55.91 6.42 19.26
CA ASN B 210 56.97 7.42 19.13
C ASN B 210 56.92 8.05 17.73
N ARG B 211 57.64 9.17 17.59
CA ARG B 211 57.58 9.92 16.34
C ARG B 211 58.36 9.21 15.24
N GLY B 212 59.58 8.77 15.53
CA GLY B 212 60.44 8.17 14.52
C GLY B 212 59.91 6.87 13.97
N GLU B 213 59.91 5.83 14.80
CA GLU B 213 59.43 4.50 14.41
C GLU B 213 60.05 4.02 13.10
N GLN C 1 -26.84 -35.06 -5.99
CA GLN C 1 -25.82 -34.56 -5.07
C GLN C 1 -26.13 -33.13 -4.61
N VAL C 2 -25.28 -32.59 -3.75
CA VAL C 2 -25.59 -31.36 -3.02
C VAL C 2 -25.73 -30.19 -3.98
N GLN C 3 -26.79 -29.40 -3.77
CA GLN C 3 -27.03 -28.18 -4.55
C GLN C 3 -28.05 -27.33 -3.81
N LEU C 4 -27.70 -26.07 -3.56
CA LEU C 4 -28.57 -25.14 -2.86
C LEU C 4 -29.15 -24.13 -3.84
N GLN C 5 -30.47 -23.96 -3.79
CA GLN C 5 -31.18 -23.07 -4.70
C GLN C 5 -31.89 -21.97 -3.92
N GLN C 6 -31.80 -20.75 -4.42
CA GLN C 6 -32.51 -19.60 -3.89
C GLN C 6 -33.26 -18.91 -5.01
N PRO C 7 -34.40 -18.28 -4.70
CA PRO C 7 -35.12 -17.51 -5.72
C PRO C 7 -34.31 -16.29 -6.13
N GLY C 8 -34.53 -15.86 -7.37
CA GLY C 8 -33.79 -14.75 -7.94
C GLY C 8 -33.94 -13.45 -7.17
N ALA C 9 -35.15 -12.91 -7.13
CA ALA C 9 -35.40 -11.64 -6.47
C ALA C 9 -36.74 -11.71 -5.74
N GLU C 10 -36.93 -10.79 -4.81
CA GLU C 10 -38.16 -10.68 -4.03
C GLU C 10 -38.54 -9.22 -3.91
N LEU C 11 -39.76 -8.88 -4.32
CA LEU C 11 -40.28 -7.53 -4.18
C LEU C 11 -41.26 -7.49 -3.02
N VAL C 12 -41.03 -6.56 -2.09
CA VAL C 12 -41.84 -6.43 -0.89
C VAL C 12 -42.32 -4.99 -0.78
N LYS C 13 -43.58 -4.81 -0.41
CA LYS C 13 -44.08 -3.49 -0.09
C LYS C 13 -43.50 -3.05 1.26
N PRO C 14 -43.08 -1.79 1.39
CA PRO C 14 -42.48 -1.35 2.65
C PRO C 14 -43.47 -1.44 3.81
N GLY C 15 -42.98 -1.94 4.93
CA GLY C 15 -43.79 -2.21 6.10
C GLY C 15 -44.24 -3.65 6.22
N ALA C 16 -44.38 -4.34 5.10
CA ALA C 16 -44.78 -5.74 5.13
C ALA C 16 -43.56 -6.64 5.32
N SER C 17 -43.79 -7.95 5.30
CA SER C 17 -42.75 -8.93 5.52
C SER C 17 -42.63 -9.86 4.32
N VAL C 18 -41.58 -10.68 4.34
CA VAL C 18 -41.33 -11.66 3.28
C VAL C 18 -40.49 -12.78 3.84
N LYS C 19 -40.61 -13.96 3.23
CA LYS C 19 -39.83 -15.14 3.61
C LYS C 19 -39.06 -15.61 2.38
N MET C 20 -37.74 -15.43 2.39
CA MET C 20 -36.88 -15.90 1.31
C MET C 20 -36.52 -17.35 1.55
N SER C 21 -36.78 -18.19 0.56
CA SER C 21 -36.61 -19.63 0.69
C SER C 21 -35.19 -20.06 0.33
N CYS C 22 -34.73 -21.12 0.97
CA CYS C 22 -33.46 -21.77 0.66
C CYS C 22 -33.77 -23.27 0.53
N LYS C 23 -34.17 -23.67 -0.66
CA LYS C 23 -34.62 -25.05 -0.90
C LYS C 23 -33.40 -25.93 -1.14
N ALA C 24 -33.13 -26.84 -0.21
CA ALA C 24 -32.00 -27.75 -0.34
C ALA C 24 -32.38 -28.96 -1.18
N SER C 25 -31.35 -29.59 -1.76
CA SER C 25 -31.56 -30.77 -2.58
C SER C 25 -30.24 -31.52 -2.70
N GLY C 26 -30.32 -32.84 -2.74
CA GLY C 26 -29.16 -33.69 -2.91
C GLY C 26 -28.57 -34.26 -1.64
N TYR C 27 -29.20 -34.04 -0.49
CA TYR C 27 -28.70 -34.58 0.77
C TYR C 27 -29.85 -34.62 1.77
N THR C 28 -29.67 -35.43 2.82
CA THR C 28 -30.66 -35.52 3.87
C THR C 28 -30.74 -34.19 4.62
N PHE C 29 -31.94 -33.61 4.67
CA PHE C 29 -32.08 -32.23 5.10
C PHE C 29 -31.91 -32.06 6.61
N THR C 30 -32.20 -33.09 7.40
CA THR C 30 -32.26 -32.96 8.85
C THR C 30 -30.92 -33.27 9.54
N SER C 31 -29.79 -33.05 8.86
CA SER C 31 -28.50 -33.38 9.43
C SER C 31 -27.48 -32.24 9.35
N TYR C 32 -27.86 -31.07 8.85
CA TYR C 32 -26.91 -29.97 8.68
C TYR C 32 -27.54 -28.66 9.15
N TRP C 33 -26.69 -27.78 9.68
CA TRP C 33 -27.12 -26.43 10.02
C TRP C 33 -27.07 -25.55 8.78
N ILE C 34 -27.74 -24.40 8.87
CA ILE C 34 -27.80 -23.45 7.76
C ILE C 34 -27.58 -22.05 8.32
N THR C 35 -26.67 -21.30 7.69
CA THR C 35 -26.31 -19.95 8.09
C THR C 35 -26.70 -18.97 7.00
N TRP C 36 -27.37 -17.89 7.38
CA TRP C 36 -27.77 -16.83 6.47
C TRP C 36 -26.81 -15.66 6.57
N VAL C 37 -26.42 -15.10 5.43
CA VAL C 37 -25.51 -13.97 5.36
C VAL C 37 -26.13 -12.90 4.47
N ILE C 38 -26.09 -11.65 4.94
CA ILE C 38 -26.64 -10.51 4.21
C ILE C 38 -25.49 -9.73 3.59
N GLN C 39 -25.67 -9.28 2.35
CA GLN C 39 -24.69 -8.47 1.65
C GLN C 39 -25.37 -7.26 1.03
N ARG C 40 -25.12 -6.10 1.59
CA ARG C 40 -25.52 -4.87 0.91
C ARG C 40 -24.59 -4.64 -0.27
N PRO C 41 -25.12 -4.29 -1.44
CA PRO C 41 -24.27 -4.24 -2.64
C PRO C 41 -23.20 -3.16 -2.54
N GLY C 42 -21.95 -3.58 -2.73
CA GLY C 42 -20.81 -2.69 -2.61
C GLY C 42 -20.19 -2.62 -1.23
N GLN C 43 -20.84 -3.19 -0.21
CA GLN C 43 -20.35 -3.15 1.16
C GLN C 43 -19.98 -4.55 1.61
N GLY C 44 -19.61 -4.66 2.89
CA GLY C 44 -19.13 -5.92 3.44
C GLY C 44 -20.23 -6.91 3.74
N LEU C 45 -19.87 -7.92 4.52
CA LEU C 45 -20.77 -9.01 4.87
C LEU C 45 -21.14 -8.94 6.35
N GLU C 46 -22.30 -9.51 6.68
CA GLU C 46 -22.80 -9.55 8.04
C GLU C 46 -23.48 -10.89 8.28
N TRP C 47 -23.19 -11.49 9.44
CA TRP C 47 -23.82 -12.75 9.80
C TRP C 47 -25.19 -12.50 10.41
N ILE C 48 -26.17 -13.30 9.99
CA ILE C 48 -27.54 -13.12 10.42
C ILE C 48 -27.90 -14.13 11.50
N GLY C 49 -27.78 -15.41 11.19
CA GLY C 49 -28.12 -16.43 12.16
C GLY C 49 -27.92 -17.86 11.71
N ASP C 50 -27.69 -18.75 12.66
CA ASP C 50 -27.59 -20.18 12.41
C ASP C 50 -28.87 -20.87 12.84
N ILE C 51 -29.22 -21.95 12.14
CA ILE C 51 -30.41 -22.72 12.46
C ILE C 51 -30.18 -24.18 12.08
N TYR C 52 -30.54 -25.09 12.97
CA TYR C 52 -30.44 -26.51 12.71
C TYR C 52 -31.78 -27.01 12.18
N CYS C 53 -31.73 -27.78 11.10
CA CYS C 53 -32.95 -28.17 10.40
C CYS C 53 -33.71 -29.30 11.11
N GLY C 54 -33.07 -30.00 12.04
CA GLY C 54 -33.69 -31.17 12.64
C GLY C 54 -34.39 -30.95 13.96
N SER C 55 -33.84 -30.07 14.81
CA SER C 55 -34.33 -29.91 16.18
C SER C 55 -34.80 -28.50 16.50
N ASP C 56 -34.86 -27.62 15.50
CA ASP C 56 -35.38 -26.26 15.68
C ASP C 56 -34.54 -25.47 16.69
N THR C 57 -33.24 -25.70 16.70
CA THR C 57 -32.31 -24.96 17.53
C THR C 57 -31.64 -23.88 16.69
N MET C 58 -31.69 -22.64 17.17
CA MET C 58 -31.23 -21.49 16.41
C MET C 58 -30.09 -20.78 17.12
N HIS C 59 -29.51 -19.82 16.42
CA HIS C 59 -28.45 -18.97 16.97
C HIS C 59 -28.50 -17.65 16.22
N TYR C 60 -28.97 -16.60 16.88
CA TYR C 60 -29.24 -15.32 16.23
C TYR C 60 -28.09 -14.34 16.44
N ASN C 61 -28.04 -13.33 15.55
CA ASN C 61 -27.16 -12.20 15.75
C ASN C 61 -27.80 -11.20 16.71
N GLU C 62 -26.95 -10.42 17.38
CA GLU C 62 -27.46 -9.49 18.38
C GLU C 62 -28.38 -8.44 17.75
N LYS C 63 -27.90 -7.76 16.71
CA LYS C 63 -28.67 -6.68 16.10
C LYS C 63 -29.82 -7.17 15.22
N PHE C 64 -29.87 -8.47 14.92
CA PHE C 64 -30.91 -9.01 14.05
C PHE C 64 -32.09 -9.59 14.82
N LYS C 65 -32.09 -9.51 16.14
CA LYS C 65 -33.25 -9.94 16.91
C LYS C 65 -34.41 -8.98 16.69
N ASN C 66 -35.63 -9.51 16.83
CA ASN C 66 -36.86 -8.75 16.62
C ASN C 66 -37.00 -8.28 15.18
N LYS C 67 -36.06 -8.66 14.32
CA LYS C 67 -36.11 -8.31 12.92
C LYS C 67 -36.16 -9.54 12.02
N ALA C 68 -35.31 -10.52 12.25
CA ALA C 68 -35.24 -11.73 11.44
C ALA C 68 -35.67 -12.94 12.25
N THR C 69 -36.47 -13.81 11.63
CA THR C 69 -36.91 -15.06 12.24
C THR C 69 -36.62 -16.19 11.28
N LEU C 70 -35.84 -17.17 11.73
CA LEU C 70 -35.43 -18.29 10.90
C LEU C 70 -36.37 -19.47 11.10
N THR C 71 -36.74 -20.11 10.00
CA THR C 71 -37.71 -21.19 10.01
C THR C 71 -37.21 -22.33 9.14
N VAL C 72 -37.74 -23.53 9.39
CA VAL C 72 -37.42 -24.72 8.60
C VAL C 72 -38.72 -25.43 8.24
N ASP C 73 -38.70 -26.12 7.10
CA ASP C 73 -39.81 -26.97 6.66
C ASP C 73 -39.19 -28.28 6.18
N THR C 74 -39.03 -29.23 7.10
CA THR C 74 -38.36 -30.49 6.76
C THR C 74 -39.18 -31.32 5.78
N SER C 75 -40.51 -31.15 5.77
CA SER C 75 -41.33 -31.86 4.80
C SER C 75 -41.01 -31.42 3.38
N SER C 76 -40.52 -30.19 3.21
CA SER C 76 -40.15 -29.66 1.91
C SER C 76 -38.65 -29.55 1.72
N SER C 77 -37.85 -29.88 2.75
CA SER C 77 -36.40 -29.75 2.71
C SER C 77 -35.99 -28.33 2.34
N THR C 78 -36.55 -27.36 3.06
CA THR C 78 -36.38 -25.95 2.74
C THR C 78 -36.18 -25.15 4.02
N ALA C 79 -35.20 -24.25 4.00
CA ALA C 79 -34.98 -23.30 5.08
C ALA C 79 -35.55 -21.95 4.71
N TYR C 80 -35.96 -21.19 5.73
CA TYR C 80 -36.63 -19.92 5.52
C TYR C 80 -36.03 -18.85 6.42
N MET C 81 -36.16 -17.59 5.99
CA MET C 81 -35.81 -16.44 6.81
C MET C 81 -36.93 -15.42 6.67
N GLN C 82 -37.54 -15.05 7.80
CA GLN C 82 -38.64 -14.10 7.82
C GLN C 82 -38.14 -12.76 8.32
N LEU C 83 -38.28 -11.73 7.49
CA LEU C 83 -37.87 -10.37 7.83
C LEU C 83 -39.12 -9.51 8.00
N SER C 84 -39.36 -9.05 9.23
CA SER C 84 -40.56 -8.30 9.55
C SER C 84 -40.25 -6.80 9.65
N SER C 85 -41.27 -5.99 9.34
CA SER C 85 -41.17 -4.52 9.37
C SER C 85 -40.01 -4.04 8.48
N LEU C 86 -40.13 -4.33 7.20
CA LEU C 86 -39.09 -3.98 6.23
C LEU C 86 -39.13 -2.50 5.91
N THR C 87 -37.94 -1.89 5.85
CA THR C 87 -37.75 -0.52 5.45
C THR C 87 -37.06 -0.48 4.08
N SER C 88 -36.88 0.72 3.55
CA SER C 88 -36.17 0.89 2.29
C SER C 88 -34.69 0.56 2.40
N GLU C 89 -34.17 0.42 3.63
CA GLU C 89 -32.75 0.12 3.83
C GLU C 89 -32.41 -1.34 3.59
N ASP C 90 -33.34 -2.24 3.89
CA ASP C 90 -33.10 -3.69 3.86
C ASP C 90 -32.91 -4.27 2.46
N SER C 91 -32.85 -3.46 1.40
CA SER C 91 -32.61 -3.97 0.05
C SER C 91 -31.16 -4.43 -0.04
N ALA C 92 -30.93 -5.73 -0.02
CA ALA C 92 -29.58 -6.29 -0.05
C ALA C 92 -29.63 -7.69 -0.65
N VAL C 93 -28.46 -8.31 -0.74
CA VAL C 93 -28.32 -9.67 -1.25
C VAL C 93 -28.24 -10.61 -0.07
N TYR C 94 -29.10 -11.64 -0.06
CA TYR C 94 -29.23 -12.55 1.07
C TYR C 94 -28.80 -13.95 0.63
N TYR C 95 -27.79 -14.49 1.31
CA TYR C 95 -27.26 -15.81 1.01
C TYR C 95 -27.66 -16.81 2.10
N CYS C 96 -27.74 -18.08 1.72
CA CYS C 96 -27.88 -19.18 2.66
C CYS C 96 -26.77 -20.19 2.40
N ALA C 97 -26.22 -20.75 3.46
CA ALA C 97 -25.10 -21.67 3.35
C ALA C 97 -25.23 -22.77 4.39
N ARG C 98 -24.85 -23.99 4.00
CA ARG C 98 -24.89 -25.13 4.90
C ARG C 98 -23.54 -25.32 5.57
N TRP C 99 -23.57 -25.60 6.87
CA TRP C 99 -22.35 -25.94 7.59
C TRP C 99 -22.03 -27.42 7.41
N TRP C 100 -20.73 -27.72 7.31
CA TRP C 100 -20.26 -29.10 7.28
C TRP C 100 -19.76 -29.45 8.68
N ASP C 101 -20.48 -30.34 9.36
CA ASP C 101 -20.08 -30.85 10.67
C ASP C 101 -19.91 -29.70 11.68
N TYR C 102 -21.02 -29.01 11.94
CA TYR C 102 -21.00 -27.90 12.87
C TYR C 102 -20.69 -28.39 14.28
N GLY C 103 -19.97 -27.58 15.04
CA GLY C 103 -19.66 -27.90 16.42
C GLY C 103 -18.27 -28.48 16.61
N SER C 104 -17.84 -29.29 15.65
CA SER C 104 -16.53 -29.93 15.74
C SER C 104 -15.43 -28.93 15.38
N SER C 105 -14.19 -29.40 15.44
CA SER C 105 -13.03 -28.52 15.24
C SER C 105 -12.83 -28.14 13.78
N TYR C 106 -13.47 -28.83 12.85
CA TYR C 106 -13.20 -28.67 11.42
C TYR C 106 -14.48 -28.39 10.65
N ASP C 107 -15.28 -27.45 11.14
CA ASP C 107 -16.48 -27.01 10.42
C ASP C 107 -16.15 -25.88 9.47
N TYR C 108 -16.84 -25.86 8.33
CA TYR C 108 -16.63 -24.84 7.32
C TYR C 108 -17.83 -24.78 6.41
N PHE C 109 -17.96 -23.66 5.69
CA PHE C 109 -18.99 -23.50 4.68
C PHE C 109 -18.59 -24.26 3.42
N ASP C 110 -19.40 -25.25 3.03
CA ASP C 110 -19.10 -26.04 1.85
C ASP C 110 -19.95 -25.68 0.64
N TYR C 111 -21.20 -25.28 0.86
CA TYR C 111 -22.10 -24.93 -0.24
C TYR C 111 -22.86 -23.67 0.11
N TRP C 112 -22.81 -22.68 -0.78
CA TRP C 112 -23.47 -21.40 -0.58
C TRP C 112 -24.68 -21.28 -1.51
N GLY C 113 -25.64 -20.47 -1.09
CA GLY C 113 -26.81 -20.22 -1.91
C GLY C 113 -26.51 -19.32 -3.08
N GLN C 114 -27.39 -19.35 -4.08
CA GLN C 114 -27.19 -18.57 -5.29
C GLN C 114 -27.47 -17.08 -5.09
N GLY C 115 -28.11 -16.70 -3.99
CA GLY C 115 -28.31 -15.30 -3.70
C GLY C 115 -29.69 -14.77 -4.03
N THR C 116 -30.35 -14.18 -3.05
CA THR C 116 -31.67 -13.55 -3.24
C THR C 116 -31.49 -12.04 -3.27
N THR C 117 -31.89 -11.43 -4.37
CA THR C 117 -31.75 -9.97 -4.56
C THR C 117 -33.04 -9.31 -4.08
N LEU C 118 -33.12 -9.05 -2.77
CA LEU C 118 -34.30 -8.46 -2.17
C LEU C 118 -34.35 -6.97 -2.51
N THR C 119 -35.45 -6.54 -3.11
CA THR C 119 -35.70 -5.14 -3.42
C THR C 119 -37.00 -4.73 -2.74
N VAL C 120 -36.95 -3.70 -1.89
CA VAL C 120 -38.07 -3.31 -1.06
C VAL C 120 -38.56 -1.94 -1.52
N SER C 121 -39.71 -1.94 -2.18
CA SER C 121 -40.38 -0.71 -2.61
C SER C 121 -41.80 -1.06 -3.03
N SER C 122 -42.71 -0.12 -2.85
CA SER C 122 -44.11 -0.31 -3.21
C SER C 122 -44.36 -0.16 -4.71
N ALA C 123 -43.31 -0.10 -5.52
CA ALA C 123 -43.49 0.04 -6.96
C ALA C 123 -44.01 -1.25 -7.58
N SER C 124 -44.76 -1.10 -8.65
CA SER C 124 -45.31 -2.25 -9.36
C SER C 124 -44.27 -2.82 -10.33
N THR C 125 -44.34 -4.13 -10.53
CA THR C 125 -43.41 -4.81 -11.43
C THR C 125 -43.78 -4.57 -12.88
N LYS C 126 -42.75 -4.47 -13.72
CA LYS C 126 -42.93 -4.36 -15.17
C LYS C 126 -42.02 -5.36 -15.85
N GLY C 127 -42.56 -6.06 -16.85
CA GLY C 127 -41.80 -7.03 -17.61
C GLY C 127 -40.94 -6.38 -18.66
N PRO C 128 -39.77 -6.98 -18.91
CA PRO C 128 -38.86 -6.40 -19.91
C PRO C 128 -39.34 -6.62 -21.34
N SER C 129 -39.23 -5.57 -22.15
CA SER C 129 -39.40 -5.67 -23.58
C SER C 129 -38.04 -5.99 -24.20
N VAL C 130 -37.95 -7.14 -24.87
CA VAL C 130 -36.69 -7.64 -25.40
C VAL C 130 -36.59 -7.27 -26.87
N PHE C 131 -35.49 -6.63 -27.25
CA PHE C 131 -35.23 -6.25 -28.62
C PHE C 131 -33.90 -6.84 -29.09
N PRO C 132 -33.86 -7.40 -30.30
CA PRO C 132 -32.61 -8.02 -30.78
C PRO C 132 -31.62 -6.98 -31.27
N LEU C 133 -30.36 -7.19 -30.94
CA LEU C 133 -29.25 -6.37 -31.41
C LEU C 133 -28.58 -7.14 -32.54
N ALA C 134 -29.06 -6.89 -33.76
CA ALA C 134 -28.66 -7.71 -34.90
C ALA C 134 -27.23 -7.43 -35.31
N PRO C 135 -26.48 -8.45 -35.72
CA PRO C 135 -25.14 -8.21 -36.27
C PRO C 135 -25.22 -7.74 -37.72
N SER C 136 -24.27 -6.89 -38.10
CA SER C 136 -24.24 -6.31 -39.43
C SER C 136 -22.80 -6.21 -39.88
N SER C 137 -22.59 -5.56 -41.03
CA SER C 137 -21.23 -5.35 -41.53
C SER C 137 -20.40 -4.50 -40.58
N LYS C 138 -21.03 -3.53 -39.92
CA LYS C 138 -20.37 -2.69 -38.92
C LYS C 138 -20.33 -3.35 -37.54
N SER C 139 -20.62 -4.66 -37.46
CA SER C 139 -20.62 -5.38 -36.20
C SER C 139 -19.68 -6.58 -36.22
N THR C 140 -18.68 -6.55 -37.10
CA THR C 140 -17.71 -7.63 -37.21
C THR C 140 -16.30 -7.10 -37.02
N SER C 141 -15.41 -7.97 -36.56
CA SER C 141 -14.01 -7.61 -36.34
C SER C 141 -13.17 -8.87 -36.43
N GLY C 142 -12.52 -9.06 -37.59
CA GLY C 142 -11.64 -10.19 -37.78
C GLY C 142 -12.32 -11.55 -37.72
N GLY C 143 -13.22 -11.81 -38.67
CA GLY C 143 -13.89 -13.09 -38.75
C GLY C 143 -14.93 -13.36 -37.68
N THR C 144 -15.00 -12.54 -36.63
CA THR C 144 -15.97 -12.70 -35.56
C THR C 144 -17.01 -11.61 -35.63
N ALA C 145 -18.24 -11.95 -35.22
CA ALA C 145 -19.36 -11.02 -35.23
C ALA C 145 -19.98 -10.94 -33.85
N ALA C 146 -20.55 -9.78 -33.54
CA ALA C 146 -21.16 -9.52 -32.25
C ALA C 146 -22.67 -9.35 -32.42
N LEU C 147 -23.44 -10.05 -31.60
CA LEU C 147 -24.89 -9.91 -31.58
C LEU C 147 -25.38 -10.04 -30.15
N GLY C 148 -26.57 -9.52 -29.90
CA GLY C 148 -27.09 -9.54 -28.54
C GLY C 148 -28.56 -9.23 -28.49
N CYS C 149 -29.04 -9.07 -27.26
CA CYS C 149 -30.44 -8.77 -26.97
C CYS C 149 -30.52 -7.59 -26.03
N LEU C 150 -31.37 -6.63 -26.35
CA LEU C 150 -31.56 -5.45 -25.49
C LEU C 150 -32.73 -5.69 -24.56
N VAL C 151 -32.45 -5.77 -23.27
CA VAL C 151 -33.46 -5.95 -22.23
C VAL C 151 -33.76 -4.57 -21.66
N LYS C 152 -34.99 -4.09 -21.86
CA LYS C 152 -35.33 -2.70 -21.58
C LYS C 152 -36.64 -2.61 -20.82
N ASP C 153 -36.74 -1.59 -19.97
CA ASP C 153 -37.97 -1.22 -19.26
C ASP C 153 -38.50 -2.39 -18.41
N TYR C 154 -37.71 -2.78 -17.42
CA TYR C 154 -38.11 -3.83 -16.50
C TYR C 154 -37.81 -3.44 -15.07
N PHE C 155 -38.68 -3.87 -14.16
CA PHE C 155 -38.57 -3.63 -12.74
C PHE C 155 -39.21 -4.83 -12.04
N PRO C 156 -38.59 -5.36 -10.98
CA PRO C 156 -37.31 -4.89 -10.43
C PRO C 156 -36.10 -5.70 -10.90
N GLU C 157 -34.96 -5.43 -10.29
CA GLU C 157 -33.72 -6.16 -10.53
C GLU C 157 -33.74 -7.49 -9.81
N PRO C 158 -33.03 -8.51 -10.34
CA PRO C 158 -32.37 -8.53 -11.64
C PRO C 158 -33.08 -9.43 -12.64
N VAL C 159 -32.53 -9.54 -13.85
CA VAL C 159 -33.03 -10.46 -14.86
C VAL C 159 -31.89 -11.41 -15.23
N THR C 160 -32.24 -12.67 -15.51
CA THR C 160 -31.27 -13.69 -15.86
C THR C 160 -31.33 -13.92 -17.37
N VAL C 161 -30.20 -13.79 -18.05
CA VAL C 161 -30.12 -13.91 -19.50
C VAL C 161 -29.14 -15.03 -19.84
N SER C 162 -29.59 -15.97 -20.65
CA SER C 162 -28.77 -17.04 -21.18
C SER C 162 -28.78 -16.98 -22.70
N TRP C 163 -28.10 -17.93 -23.34
CA TRP C 163 -28.02 -17.98 -24.79
C TRP C 163 -28.11 -19.42 -25.24
N ASN C 164 -29.05 -19.69 -26.17
CA ASN C 164 -29.34 -21.04 -26.65
C ASN C 164 -29.68 -21.97 -25.50
N SER C 165 -30.45 -21.45 -24.54
CA SER C 165 -30.88 -22.19 -23.36
C SER C 165 -29.69 -22.76 -22.59
N GLY C 166 -28.66 -21.93 -22.43
CA GLY C 166 -27.49 -22.30 -21.65
C GLY C 166 -26.41 -23.02 -22.42
N ALA C 167 -26.64 -23.35 -23.69
CA ALA C 167 -25.64 -24.06 -24.48
C ALA C 167 -24.51 -23.17 -24.96
N LEU C 168 -24.60 -21.86 -24.74
CA LEU C 168 -23.60 -20.91 -25.20
C LEU C 168 -23.03 -20.17 -24.00
N THR C 169 -21.72 -20.25 -23.81
CA THR C 169 -21.03 -19.54 -22.73
C THR C 169 -19.77 -18.82 -23.16
N SER C 170 -19.22 -19.13 -24.33
CA SER C 170 -17.96 -18.51 -24.76
C SER C 170 -18.20 -17.05 -25.12
N GLY C 171 -17.62 -16.14 -24.35
CA GLY C 171 -17.64 -14.73 -24.70
C GLY C 171 -18.97 -14.03 -24.49
N VAL C 172 -19.74 -14.44 -23.50
CA VAL C 172 -21.00 -13.76 -23.17
C VAL C 172 -20.70 -12.62 -22.20
N HIS C 173 -20.93 -11.39 -22.63
CA HIS C 173 -20.69 -10.20 -21.82
C HIS C 173 -22.04 -9.57 -21.51
N THR C 174 -22.65 -10.01 -20.42
CA THR C 174 -23.89 -9.42 -19.92
C THR C 174 -23.53 -8.26 -19.01
N PHE C 175 -23.72 -7.05 -19.50
CA PHE C 175 -23.31 -5.86 -18.76
C PHE C 175 -24.22 -5.63 -17.56
N PRO C 176 -23.73 -4.96 -16.53
CA PRO C 176 -24.60 -4.58 -15.41
C PRO C 176 -25.75 -3.69 -15.89
N ALA C 177 -26.87 -3.81 -15.20
CA ALA C 177 -28.08 -3.08 -15.60
C ALA C 177 -27.89 -1.59 -15.41
N VAL C 178 -28.32 -0.82 -16.39
CA VAL C 178 -28.33 0.63 -16.28
C VAL C 178 -29.72 1.07 -15.81
N LEU C 179 -29.78 2.25 -15.23
CA LEU C 179 -31.03 2.80 -14.70
C LEU C 179 -31.55 3.86 -15.65
N GLN C 180 -32.79 3.69 -16.12
CA GLN C 180 -33.42 4.70 -16.94
C GLN C 180 -33.81 5.90 -16.08
N SER C 181 -34.03 7.04 -16.74
CA SER C 181 -34.47 8.24 -16.04
C SER C 181 -35.90 8.12 -15.53
N SER C 182 -36.64 7.09 -15.95
CA SER C 182 -38.00 6.88 -15.49
C SER C 182 -38.08 6.05 -14.21
N GLY C 183 -36.98 5.46 -13.78
CA GLY C 183 -36.95 4.60 -12.61
C GLY C 183 -36.84 3.13 -12.92
N LEU C 184 -37.04 2.73 -14.17
CA LEU C 184 -36.92 1.33 -14.56
C LEU C 184 -35.50 1.00 -14.99
N TYR C 185 -35.19 -0.28 -15.04
CA TYR C 185 -33.86 -0.75 -15.40
C TYR C 185 -33.82 -1.19 -16.86
N SER C 186 -32.59 -1.42 -17.35
CA SER C 186 -32.36 -1.89 -18.70
C SER C 186 -30.91 -2.35 -18.82
N LEU C 187 -30.69 -3.42 -19.58
CA LEU C 187 -29.33 -3.92 -19.81
C LEU C 187 -29.29 -4.59 -21.18
N SER C 188 -28.09 -5.02 -21.57
CA SER C 188 -27.87 -5.72 -22.82
C SER C 188 -26.89 -6.86 -22.60
N SER C 189 -27.08 -7.94 -23.32
CA SER C 189 -26.22 -9.12 -23.25
C SER C 189 -25.70 -9.43 -24.64
N VAL C 190 -24.42 -9.19 -24.87
CA VAL C 190 -23.79 -9.37 -26.17
C VAL C 190 -22.84 -10.55 -26.12
N VAL C 191 -22.62 -11.17 -27.27
CA VAL C 191 -21.71 -12.29 -27.40
C VAL C 191 -21.01 -12.21 -28.76
N THR C 192 -19.79 -12.74 -28.82
CA THR C 192 -18.99 -12.74 -30.04
C THR C 192 -18.98 -14.15 -30.61
N VAL C 193 -19.41 -14.27 -31.86
CA VAL C 193 -19.51 -15.58 -32.54
C VAL C 193 -18.77 -15.48 -33.86
N PRO C 194 -18.40 -16.62 -34.45
CA PRO C 194 -17.78 -16.60 -35.77
C PRO C 194 -18.74 -16.06 -36.82
N SER C 195 -18.20 -15.32 -37.79
CA SER C 195 -19.04 -14.74 -38.84
C SER C 195 -19.50 -15.82 -39.82
N SER C 196 -18.62 -16.74 -40.18
CA SER C 196 -18.97 -17.78 -41.15
C SER C 196 -20.09 -18.67 -40.66
N SER C 197 -20.33 -18.72 -39.36
CA SER C 197 -21.40 -19.54 -38.79
C SER C 197 -22.72 -18.80 -38.65
N LEU C 198 -22.78 -17.53 -39.09
CA LEU C 198 -24.02 -16.76 -38.97
C LEU C 198 -25.12 -17.30 -39.87
N GLY C 199 -24.77 -18.00 -40.94
CA GLY C 199 -25.76 -18.54 -41.85
C GLY C 199 -26.25 -19.91 -41.46
N THR C 200 -25.49 -20.61 -40.63
CA THR C 200 -25.82 -21.96 -40.20
C THR C 200 -26.33 -22.06 -38.77
N GLN C 201 -25.79 -21.25 -37.86
CA GLN C 201 -26.17 -21.31 -36.46
C GLN C 201 -27.32 -20.36 -36.16
N THR C 202 -28.17 -20.77 -35.23
CA THR C 202 -29.27 -19.95 -34.76
C THR C 202 -29.02 -19.57 -33.30
N TYR C 203 -29.11 -18.28 -33.01
CA TYR C 203 -28.85 -17.76 -31.67
C TYR C 203 -30.12 -17.14 -31.13
N ILE C 204 -30.72 -17.80 -30.14
CA ILE C 204 -31.94 -17.33 -29.48
C ILE C 204 -31.59 -17.05 -28.03
N CYS C 205 -31.63 -15.79 -27.64
CA CYS C 205 -31.36 -15.42 -26.25
C CYS C 205 -32.59 -15.70 -25.40
N ASN C 206 -32.34 -16.09 -24.15
CA ASN C 206 -33.40 -16.41 -23.20
C ASN C 206 -33.40 -15.36 -22.10
N VAL C 207 -34.54 -14.70 -21.91
CA VAL C 207 -34.70 -13.67 -20.88
C VAL C 207 -35.70 -14.19 -19.86
N ASN C 208 -35.26 -14.30 -18.61
CA ASN C 208 -36.08 -14.86 -17.54
C ASN C 208 -36.20 -13.83 -16.42
N HIS C 209 -37.39 -13.26 -16.27
CA HIS C 209 -37.69 -12.27 -15.24
C HIS C 209 -38.90 -12.77 -14.45
N LYS C 210 -38.63 -13.52 -13.38
CA LYS C 210 -39.67 -14.12 -12.55
C LYS C 210 -40.50 -13.12 -11.75
N PRO C 211 -39.91 -12.03 -11.21
CA PRO C 211 -40.75 -11.05 -10.52
C PRO C 211 -41.91 -10.51 -11.35
N SER C 212 -41.74 -10.38 -12.66
CA SER C 212 -42.83 -10.01 -13.55
C SER C 212 -43.37 -11.18 -14.34
N ASN C 213 -42.75 -12.37 -14.21
CA ASN C 213 -43.26 -13.61 -14.78
C ASN C 213 -43.35 -13.54 -16.31
N THR C 214 -42.20 -13.35 -16.94
CA THR C 214 -42.12 -13.29 -18.39
C THR C 214 -40.84 -13.98 -18.87
N LYS C 215 -41.00 -14.93 -19.78
CA LYS C 215 -39.89 -15.68 -20.36
C LYS C 215 -39.97 -15.51 -21.88
N VAL C 216 -39.09 -14.69 -22.42
CA VAL C 216 -39.08 -14.37 -23.85
C VAL C 216 -37.83 -14.95 -24.47
N ASP C 217 -38.00 -15.73 -25.54
CA ASP C 217 -36.90 -16.29 -26.32
C ASP C 217 -36.81 -15.50 -27.62
N LYS C 218 -35.85 -14.57 -27.67
CA LYS C 218 -35.73 -13.64 -28.79
C LYS C 218 -34.69 -14.15 -29.78
N ARG C 219 -35.10 -14.34 -31.02
CA ARG C 219 -34.20 -14.78 -32.09
C ARG C 219 -33.58 -13.57 -32.77
N VAL C 220 -32.26 -13.60 -32.93
CA VAL C 220 -31.51 -12.51 -33.55
C VAL C 220 -30.89 -13.04 -34.84
N GLU C 221 -31.18 -12.38 -35.95
CA GLU C 221 -30.69 -12.72 -37.27
C GLU C 221 -29.93 -11.54 -37.86
N PRO C 222 -29.10 -11.77 -38.90
CA PRO C 222 -28.36 -10.65 -39.51
C PRO C 222 -29.25 -9.58 -40.12
N LYS C 223 -28.63 -8.52 -40.62
CA LYS C 223 -29.34 -7.37 -41.18
C LYS C 223 -30.26 -6.73 -40.15
N ASP D 1 -18.98 -8.80 18.32
CA ASP D 1 -18.33 -7.99 19.34
C ASP D 1 -16.83 -7.86 19.06
N ILE D 2 -16.35 -8.63 18.10
CA ILE D 2 -14.95 -8.60 17.67
C ILE D 2 -14.87 -7.80 16.37
N LYS D 3 -13.95 -6.84 16.33
CA LYS D 3 -13.75 -6.01 15.15
C LYS D 3 -12.59 -6.58 14.33
N MET D 4 -12.90 -7.01 13.11
CA MET D 4 -11.90 -7.61 12.23
C MET D 4 -11.29 -6.53 11.35
N THR D 5 -9.97 -6.40 11.41
CA THR D 5 -9.24 -5.40 10.65
C THR D 5 -8.58 -6.09 9.46
N GLN D 6 -9.18 -5.94 8.28
CA GLN D 6 -8.64 -6.49 7.05
C GLN D 6 -8.07 -5.37 6.20
N SER D 7 -6.90 -5.61 5.61
CA SER D 7 -6.20 -4.60 4.83
C SER D 7 -5.18 -5.29 3.95
N PRO D 8 -4.86 -4.72 2.77
CA PRO D 8 -5.46 -3.49 2.24
C PRO D 8 -6.78 -3.76 1.53
N SER D 9 -7.67 -2.77 1.51
CA SER D 9 -8.94 -2.92 0.82
C SER D 9 -8.74 -3.03 -0.70
N SER D 10 -7.73 -2.35 -1.23
CA SER D 10 -7.42 -2.38 -2.65
C SER D 10 -5.96 -2.75 -2.84
N MET D 11 -5.70 -3.58 -3.85
CA MET D 11 -4.33 -4.00 -4.16
C MET D 11 -4.28 -4.47 -5.60
N TYR D 12 -3.24 -4.05 -6.32
CA TYR D 12 -3.01 -4.45 -7.70
C TYR D 12 -1.84 -5.42 -7.76
N ALA D 13 -1.90 -6.33 -8.74
CA ALA D 13 -0.87 -7.35 -8.87
C ALA D 13 -0.77 -7.79 -10.31
N SER D 14 0.38 -8.34 -10.66
CA SER D 14 0.63 -8.88 -11.99
C SER D 14 0.29 -10.37 -12.02
N LEU D 15 0.56 -11.02 -13.15
CA LEU D 15 0.36 -12.45 -13.27
C LEU D 15 1.57 -13.20 -12.71
N GLY D 16 1.30 -14.30 -12.00
CA GLY D 16 2.36 -15.06 -11.37
C GLY D 16 2.96 -14.42 -10.14
N GLU D 17 2.36 -13.35 -9.63
CA GLU D 17 2.89 -12.65 -8.47
C GLU D 17 2.60 -13.44 -7.19
N ARG D 18 3.42 -13.18 -6.18
CA ARG D 18 3.21 -13.71 -4.83
C ARG D 18 2.60 -12.58 -4.00
N VAL D 19 1.28 -12.63 -3.81
CA VAL D 19 0.55 -11.59 -3.10
C VAL D 19 -0.02 -12.18 -1.81
N THR D 20 -0.01 -11.38 -0.75
CA THR D 20 -0.48 -11.79 0.55
C THR D 20 -1.39 -10.70 1.12
N ILE D 21 -2.48 -11.12 1.78
CA ILE D 21 -3.37 -10.21 2.48
C ILE D 21 -3.47 -10.67 3.93
N THR D 22 -3.78 -9.72 4.80
CA THR D 22 -3.82 -9.96 6.24
C THR D 22 -5.19 -9.63 6.81
N CYS D 23 -5.47 -10.21 7.98
CA CYS D 23 -6.74 -10.00 8.66
C CYS D 23 -6.50 -10.21 10.15
N LYS D 24 -6.59 -9.13 10.93
CA LYS D 24 -6.29 -9.15 12.34
C LYS D 24 -7.58 -8.97 13.15
N ALA D 25 -7.70 -9.74 14.23
CA ALA D 25 -8.88 -9.72 15.08
C ALA D 25 -8.67 -8.84 16.30
N SER D 26 -9.78 -8.32 16.83
CA SER D 26 -9.69 -7.49 18.03
C SER D 26 -9.37 -8.32 19.27
N GLN D 27 -9.84 -9.56 19.32
CA GLN D 27 -9.55 -10.48 20.41
C GLN D 27 -8.89 -11.74 19.85
N ASP D 28 -8.68 -12.72 20.72
CA ASP D 28 -8.06 -13.98 20.34
C ASP D 28 -9.15 -14.95 19.91
N ILE D 29 -9.19 -15.27 18.60
CA ILE D 29 -10.21 -16.17 18.07
C ILE D 29 -9.73 -17.61 18.02
N ASN D 30 -8.52 -17.91 18.52
CA ASN D 30 -8.03 -19.26 18.72
C ASN D 30 -8.08 -20.08 17.42
N SER D 31 -7.55 -19.50 16.35
CA SER D 31 -7.39 -20.13 15.05
C SER D 31 -8.72 -20.48 14.38
N TYR D 32 -9.84 -20.06 14.95
CA TYR D 32 -11.15 -20.32 14.35
C TYR D 32 -11.47 -19.22 13.34
N LEU D 33 -10.74 -19.26 12.22
CA LEU D 33 -10.87 -18.26 11.17
C LEU D 33 -11.02 -18.95 9.82
N SER D 34 -11.80 -18.33 8.94
CA SER D 34 -12.05 -18.86 7.60
C SER D 34 -11.90 -17.75 6.57
N TRP D 35 -11.46 -18.13 5.37
CA TRP D 35 -11.30 -17.22 4.26
C TRP D 35 -12.30 -17.55 3.16
N PHE D 36 -12.71 -16.51 2.42
CA PHE D 36 -13.63 -16.66 1.31
C PHE D 36 -13.14 -15.88 0.10
N GLN D 37 -13.67 -16.24 -1.07
CA GLN D 37 -13.44 -15.51 -2.30
C GLN D 37 -14.78 -15.33 -3.00
N GLN D 38 -15.04 -14.09 -3.45
CA GLN D 38 -16.28 -13.78 -4.15
C GLN D 38 -15.95 -13.02 -5.43
N LYS D 39 -16.19 -13.65 -6.57
CA LYS D 39 -16.23 -12.90 -7.81
C LYS D 39 -17.54 -12.11 -7.87
N PRO D 40 -17.51 -10.88 -8.38
CA PRO D 40 -18.71 -10.05 -8.35
C PRO D 40 -19.90 -10.72 -9.03
N GLY D 41 -21.06 -10.60 -8.40
CA GLY D 41 -22.27 -11.20 -8.90
C GLY D 41 -22.42 -12.69 -8.64
N LYS D 42 -21.40 -13.35 -8.12
CA LYS D 42 -21.44 -14.77 -7.82
C LYS D 42 -21.40 -15.00 -6.31
N SER D 43 -21.81 -16.19 -5.91
CA SER D 43 -21.87 -16.50 -4.48
C SER D 43 -20.46 -16.67 -3.92
N PRO D 44 -20.22 -16.24 -2.69
CA PRO D 44 -18.90 -16.47 -2.07
C PRO D 44 -18.63 -17.95 -1.87
N LYS D 45 -17.38 -18.34 -2.08
CA LYS D 45 -16.94 -19.72 -1.93
C LYS D 45 -15.79 -19.77 -0.94
N THR D 46 -15.77 -20.84 -0.13
CA THR D 46 -14.77 -20.97 0.92
C THR D 46 -13.47 -21.53 0.35
N LEU D 47 -12.36 -20.88 0.69
CA LEU D 47 -11.03 -21.33 0.29
C LEU D 47 -10.29 -22.02 1.43
N ILE D 48 -10.27 -21.39 2.61
CA ILE D 48 -9.48 -21.88 3.74
C ILE D 48 -10.31 -21.73 5.01
N TYR D 49 -10.38 -22.80 5.79
CA TYR D 49 -10.93 -22.77 7.14
C TYR D 49 -9.82 -23.12 8.13
N ARG D 50 -10.07 -22.82 9.40
CA ARG D 50 -9.08 -22.97 10.48
C ARG D 50 -7.82 -22.14 10.22
N ALA D 51 -7.86 -21.25 9.22
CA ALA D 51 -6.80 -20.32 8.88
C ALA D 51 -5.58 -21.01 8.26
N ASN D 52 -5.56 -22.35 8.27
CA ASN D 52 -4.49 -23.08 7.60
C ASN D 52 -4.95 -24.36 6.91
N ARG D 53 -6.25 -24.67 6.90
CA ARG D 53 -6.76 -25.88 6.28
C ARG D 53 -7.44 -25.54 4.96
N LEU D 54 -7.08 -26.26 3.91
CA LEU D 54 -7.60 -26.00 2.58
C LEU D 54 -8.93 -26.70 2.37
N VAL D 55 -9.80 -26.06 1.60
CA VAL D 55 -11.08 -26.63 1.22
C VAL D 55 -10.89 -27.51 -0.01
N ASP D 56 -11.66 -28.58 -0.08
CA ASP D 56 -11.58 -29.50 -1.22
C ASP D 56 -11.82 -28.76 -2.53
N GLY D 57 -11.08 -29.15 -3.56
CA GLY D 57 -11.16 -28.51 -4.86
C GLY D 57 -10.38 -27.23 -5.02
N VAL D 58 -10.02 -26.57 -3.93
CA VAL D 58 -9.24 -25.33 -4.01
C VAL D 58 -7.84 -25.65 -4.53
N PRO D 59 -7.30 -24.85 -5.46
CA PRO D 59 -5.96 -25.14 -5.99
C PRO D 59 -4.90 -25.14 -4.90
N SER D 60 -3.80 -25.84 -5.19
CA SER D 60 -2.73 -26.01 -4.21
C SER D 60 -1.93 -24.75 -3.96
N ARG D 61 -2.09 -23.71 -4.78
CA ARG D 61 -1.31 -22.49 -4.61
C ARG D 61 -1.79 -21.65 -3.43
N PHE D 62 -3.05 -21.81 -3.02
CA PHE D 62 -3.55 -21.04 -1.89
C PHE D 62 -2.93 -21.53 -0.59
N SER D 63 -2.56 -20.59 0.27
CA SER D 63 -1.91 -20.91 1.54
C SER D 63 -2.38 -19.93 2.60
N GLY D 64 -2.73 -20.45 3.78
CA GLY D 64 -3.15 -19.63 4.89
C GLY D 64 -2.24 -19.82 6.08
N SER D 65 -2.11 -18.77 6.88
CA SER D 65 -1.28 -18.79 8.07
C SER D 65 -1.92 -17.93 9.14
N GLY D 66 -1.41 -18.04 10.36
CA GLY D 66 -1.87 -17.22 11.47
C GLY D 66 -2.14 -17.99 12.75
N SER D 67 -2.06 -17.28 13.86
CA SER D 67 -2.34 -17.83 15.18
C SER D 67 -2.61 -16.68 16.14
N GLY D 68 -3.51 -16.91 17.09
CA GLY D 68 -3.87 -15.86 18.02
C GLY D 68 -4.74 -14.80 17.40
N GLN D 69 -4.16 -13.62 17.15
CA GLN D 69 -4.89 -12.50 16.58
C GLN D 69 -4.52 -12.19 15.14
N ASP D 70 -3.29 -12.46 14.73
CA ASP D 70 -2.80 -12.12 13.39
C ASP D 70 -2.92 -13.33 12.48
N TYR D 71 -3.56 -13.15 11.33
CA TYR D 71 -3.76 -14.22 10.37
C TYR D 71 -3.46 -13.70 8.97
N SER D 72 -2.90 -14.56 8.12
CA SER D 72 -2.46 -14.17 6.79
C SER D 72 -3.00 -15.14 5.75
N LEU D 73 -3.13 -14.65 4.53
CA LEU D 73 -3.53 -15.45 3.37
C LEU D 73 -2.59 -15.12 2.22
N THR D 74 -1.82 -16.10 1.77
CA THR D 74 -0.80 -15.90 0.75
C THR D 74 -1.17 -16.66 -0.52
N ILE D 75 -0.99 -16.01 -1.66
CA ILE D 75 -1.18 -16.62 -2.97
C ILE D 75 0.18 -16.73 -3.63
N SER D 76 0.60 -17.96 -3.92
CA SER D 76 1.96 -18.20 -4.40
C SER D 76 2.16 -17.66 -5.82
N SER D 77 1.41 -18.20 -6.78
CA SER D 77 1.51 -17.79 -8.18
C SER D 77 0.12 -17.37 -8.65
N LEU D 78 -0.02 -16.10 -9.01
CA LEU D 78 -1.32 -15.54 -9.34
C LEU D 78 -1.72 -15.93 -10.76
N GLU D 79 -2.88 -16.57 -10.89
CA GLU D 79 -3.51 -16.81 -12.18
C GLU D 79 -4.56 -15.74 -12.44
N TYR D 80 -5.09 -15.75 -13.66
CA TYR D 80 -6.13 -14.79 -14.02
C TYR D 80 -7.47 -15.13 -13.37
N GLU D 81 -7.64 -16.36 -12.87
CA GLU D 81 -8.87 -16.79 -12.24
C GLU D 81 -8.81 -16.69 -10.72
N ASP D 82 -7.87 -15.92 -10.19
CA ASP D 82 -7.71 -15.76 -8.74
C ASP D 82 -8.01 -14.34 -8.29
N MET D 83 -8.91 -13.66 -8.99
CA MET D 83 -9.27 -12.29 -8.66
C MET D 83 -10.58 -12.26 -7.88
N GLY D 84 -11.01 -11.06 -7.53
CA GLY D 84 -12.25 -10.85 -6.81
C GLY D 84 -12.01 -10.24 -5.44
N ILE D 85 -13.05 -10.27 -4.62
CA ILE D 85 -13.02 -9.71 -3.27
C ILE D 85 -12.88 -10.85 -2.27
N TYR D 86 -11.99 -10.69 -1.30
CA TYR D 86 -11.70 -11.71 -0.30
C TYR D 86 -12.15 -11.24 1.07
N TYR D 87 -12.88 -12.09 1.78
CA TYR D 87 -13.37 -11.80 3.11
C TYR D 87 -12.83 -12.84 4.09
N CYS D 88 -12.44 -12.37 5.28
CA CYS D 88 -12.04 -13.25 6.37
C CYS D 88 -13.15 -13.32 7.40
N LEU D 89 -13.44 -14.53 7.88
CA LEU D 89 -14.52 -14.76 8.83
C LEU D 89 -13.97 -15.49 10.05
N GLN D 90 -14.33 -15.00 11.23
CA GLN D 90 -14.02 -15.66 12.49
C GLN D 90 -15.30 -16.26 13.07
N TYR D 91 -15.18 -17.45 13.64
CA TYR D 91 -16.32 -18.14 14.24
C TYR D 91 -15.94 -18.70 15.61
N ASP D 92 -15.27 -17.87 16.41
CA ASP D 92 -15.03 -18.22 17.82
C ASP D 92 -16.18 -17.74 18.70
N GLU D 93 -16.53 -16.47 18.61
CA GLU D 93 -17.60 -15.88 19.39
C GLU D 93 -18.82 -15.62 18.52
N PHE D 94 -19.98 -15.58 19.16
CA PHE D 94 -21.17 -15.01 18.55
C PHE D 94 -21.25 -13.53 18.88
N PRO D 95 -21.53 -12.65 17.90
CA PRO D 95 -21.79 -13.00 16.50
C PRO D 95 -20.53 -13.11 15.63
N TYR D 96 -20.65 -13.79 14.50
CA TYR D 96 -19.55 -13.85 13.54
C TYR D 96 -19.37 -12.49 12.88
N THR D 97 -18.11 -12.13 12.63
CA THR D 97 -17.77 -10.86 12.00
C THR D 97 -16.83 -11.11 10.82
N PHE D 98 -17.17 -10.51 9.68
CA PHE D 98 -16.36 -10.63 8.48
C PHE D 98 -15.32 -9.52 8.43
N GLY D 99 -14.40 -9.65 7.46
CA GLY D 99 -13.42 -8.61 7.23
C GLY D 99 -13.98 -7.46 6.40
N GLY D 100 -13.18 -6.40 6.31
CA GLY D 100 -13.61 -5.23 5.56
C GLY D 100 -13.75 -5.48 4.07
N GLY D 101 -13.01 -6.45 3.55
CA GLY D 101 -13.04 -6.73 2.12
C GLY D 101 -11.77 -6.32 1.42
N THR D 102 -11.22 -7.21 0.58
CA THR D 102 -9.99 -6.95 -0.15
C THR D 102 -10.25 -7.25 -1.62
N LYS D 103 -10.42 -6.19 -2.42
CA LYS D 103 -10.65 -6.35 -3.85
C LYS D 103 -9.29 -6.49 -4.55
N LEU D 104 -9.08 -7.64 -5.18
CA LEU D 104 -7.84 -7.92 -5.91
C LEU D 104 -8.02 -7.54 -7.37
N GLU D 105 -7.22 -6.60 -7.84
CA GLU D 105 -7.24 -6.16 -9.23
C GLU D 105 -6.09 -6.81 -9.99
N ILE D 106 -6.35 -7.12 -11.25
CA ILE D 106 -5.39 -7.83 -12.10
C ILE D 106 -4.78 -6.85 -13.10
N LYS D 107 -3.47 -6.92 -13.26
CA LYS D 107 -2.74 -6.13 -14.25
C LYS D 107 -2.40 -7.01 -15.45
N ARG D 108 -2.55 -6.46 -16.65
CA ARG D 108 -2.23 -7.18 -17.87
C ARG D 108 -1.74 -6.19 -18.92
N THR D 109 -1.45 -6.70 -20.11
CA THR D 109 -1.02 -5.87 -21.22
C THR D 109 -2.15 -4.94 -21.66
N VAL D 110 -1.76 -3.76 -22.15
CA VAL D 110 -2.75 -2.81 -22.66
C VAL D 110 -3.46 -3.44 -23.86
N ALA D 111 -4.78 -3.57 -23.76
CA ALA D 111 -5.58 -4.25 -24.77
C ALA D 111 -6.35 -3.23 -25.60
N ALA D 112 -6.50 -3.54 -26.89
CA ALA D 112 -7.23 -2.68 -27.82
C ALA D 112 -8.72 -3.03 -27.81
N PRO D 113 -9.60 -2.06 -27.66
CA PRO D 113 -11.04 -2.36 -27.61
C PRO D 113 -11.57 -2.78 -28.97
N SER D 114 -12.31 -3.88 -28.98
CA SER D 114 -13.01 -4.33 -30.18
C SER D 114 -14.34 -3.57 -30.24
N VAL D 115 -14.41 -2.56 -31.10
CA VAL D 115 -15.54 -1.65 -31.14
C VAL D 115 -16.61 -2.20 -32.08
N PHE D 116 -17.84 -2.30 -31.59
CA PHE D 116 -18.98 -2.74 -32.37
C PHE D 116 -20.12 -1.75 -32.19
N ILE D 117 -21.02 -1.72 -33.17
CA ILE D 117 -22.19 -0.85 -33.13
C ILE D 117 -23.37 -1.60 -33.71
N PHE D 118 -24.52 -1.52 -33.05
CA PHE D 118 -25.71 -2.25 -33.44
C PHE D 118 -26.82 -1.29 -33.79
N PRO D 119 -27.46 -1.45 -34.95
CA PRO D 119 -28.60 -0.58 -35.30
C PRO D 119 -29.77 -0.82 -34.37
N PRO D 120 -30.68 0.14 -34.24
CA PRO D 120 -31.88 -0.10 -33.44
C PRO D 120 -32.77 -1.14 -34.08
N SER D 121 -33.52 -1.85 -33.23
CA SER D 121 -34.33 -2.96 -33.69
C SER D 121 -35.46 -2.47 -34.59
N ASP D 122 -35.90 -3.34 -35.49
CA ASP D 122 -37.05 -3.03 -36.34
C ASP D 122 -38.35 -3.04 -35.56
N GLU D 123 -38.41 -3.83 -34.48
CA GLU D 123 -39.57 -3.86 -33.61
C GLU D 123 -39.55 -2.77 -32.55
N GLN D 124 -38.36 -2.37 -32.09
CA GLN D 124 -38.27 -1.31 -31.10
C GLN D 124 -38.77 0.02 -31.64
N LEU D 125 -38.57 0.26 -32.93
CA LEU D 125 -39.10 1.48 -33.55
C LEU D 125 -40.63 1.49 -33.55
N LYS D 126 -41.24 0.30 -33.55
CA LYS D 126 -42.70 0.22 -33.55
C LYS D 126 -43.30 0.74 -32.25
N SER D 127 -42.53 0.75 -31.16
CA SER D 127 -43.03 1.30 -29.90
C SER D 127 -42.96 2.82 -29.89
N GLY D 128 -41.88 3.39 -30.44
CA GLY D 128 -41.72 4.83 -30.48
C GLY D 128 -40.36 5.29 -29.98
N THR D 129 -39.53 4.33 -29.57
CA THR D 129 -38.20 4.61 -29.05
C THR D 129 -37.15 3.99 -29.97
N ALA D 130 -36.04 4.70 -30.14
CA ALA D 130 -34.92 4.23 -30.95
C ALA D 130 -33.68 4.18 -30.06
N SER D 131 -33.17 2.98 -29.80
CA SER D 131 -32.02 2.77 -28.94
C SER D 131 -30.88 2.21 -29.77
N VAL D 132 -29.85 3.03 -29.98
CA VAL D 132 -28.65 2.62 -30.68
C VAL D 132 -27.59 2.25 -29.63
N VAL D 133 -26.92 1.12 -29.85
CA VAL D 133 -25.96 0.58 -28.90
C VAL D 133 -24.58 0.58 -29.54
N CYS D 134 -23.59 1.06 -28.79
CA CYS D 134 -22.19 1.01 -29.20
C CYS D 134 -21.45 0.10 -28.22
N LEU D 135 -20.66 -0.82 -28.77
CA LEU D 135 -20.04 -1.88 -27.98
C LEU D 135 -18.53 -1.71 -27.93
N LEU D 136 -17.97 -1.86 -26.72
CA LEU D 136 -16.53 -1.91 -26.51
C LEU D 136 -16.23 -3.25 -25.82
N ASN D 137 -15.55 -4.14 -26.52
CA ASN D 137 -15.37 -5.51 -26.06
C ASN D 137 -13.89 -5.79 -25.81
N ASN D 138 -13.58 -6.28 -24.60
CA ASN D 138 -12.28 -6.84 -24.25
C ASN D 138 -11.15 -5.82 -24.44
N PHE D 139 -11.20 -4.79 -23.61
CA PHE D 139 -10.15 -3.78 -23.55
C PHE D 139 -9.60 -3.65 -22.14
N TYR D 140 -8.42 -3.04 -22.03
CA TYR D 140 -7.77 -2.77 -20.75
C TYR D 140 -6.75 -1.68 -20.98
N PRO D 141 -6.61 -0.70 -20.07
CA PRO D 141 -7.31 -0.53 -18.80
C PRO D 141 -8.80 -0.16 -18.93
N ARG D 142 -9.47 -0.02 -17.79
CA ARG D 142 -10.92 0.17 -17.80
C ARG D 142 -11.30 1.56 -18.32
N GLU D 143 -10.50 2.57 -18.01
CA GLU D 143 -10.85 3.96 -18.34
C GLU D 143 -10.81 4.15 -19.85
N ALA D 144 -11.99 4.19 -20.47
CA ALA D 144 -12.13 4.46 -21.89
C ALA D 144 -13.35 5.33 -22.10
N LYS D 145 -13.22 6.37 -22.92
CA LYS D 145 -14.29 7.35 -23.13
C LYS D 145 -14.88 7.18 -24.51
N VAL D 146 -16.21 7.25 -24.58
CA VAL D 146 -16.96 7.12 -25.83
C VAL D 146 -17.81 8.37 -26.03
N GLN D 147 -17.77 8.93 -27.24
CA GLN D 147 -18.51 10.13 -27.58
C GLN D 147 -19.47 9.83 -28.71
N TRP D 148 -20.74 10.14 -28.51
CA TRP D 148 -21.76 9.90 -29.52
C TRP D 148 -21.85 11.08 -30.48
N LYS D 149 -21.89 10.78 -31.78
CA LYS D 149 -21.95 11.81 -32.82
C LYS D 149 -23.05 11.47 -33.80
N VAL D 150 -24.04 12.35 -33.90
CA VAL D 150 -25.09 12.26 -34.90
C VAL D 150 -24.90 13.42 -35.87
N ASP D 151 -24.75 13.11 -37.15
CA ASP D 151 -24.48 14.11 -38.20
C ASP D 151 -23.29 14.99 -37.83
N ASN D 152 -22.22 14.34 -37.39
CA ASN D 152 -20.95 14.95 -37.00
C ASN D 152 -21.07 15.82 -35.74
N ALA D 153 -22.24 15.89 -35.13
CA ALA D 153 -22.46 16.72 -33.95
C ALA D 153 -22.53 15.84 -32.70
N LEU D 154 -21.88 16.30 -31.63
CA LEU D 154 -21.83 15.54 -30.39
C LEU D 154 -23.21 15.47 -29.74
N GLN D 155 -23.48 14.35 -29.08
CA GLN D 155 -24.69 14.14 -28.30
C GLN D 155 -24.34 14.12 -26.81
N SER D 156 -25.03 14.94 -26.02
CA SER D 156 -24.77 15.03 -24.60
C SER D 156 -26.11 15.16 -23.88
N GLY D 157 -26.46 14.15 -23.08
CA GLY D 157 -27.66 14.22 -22.28
C GLY D 157 -28.57 13.02 -22.36
N ASN D 158 -28.30 12.12 -23.32
CA ASN D 158 -29.19 10.99 -23.57
C ASN D 158 -28.42 9.69 -23.81
N SER D 159 -27.27 9.53 -23.17
CA SER D 159 -26.46 8.34 -23.31
C SER D 159 -26.22 7.70 -21.95
N GLN D 160 -26.26 6.36 -21.91
CA GLN D 160 -26.00 5.61 -20.70
C GLN D 160 -25.07 4.45 -21.02
N GLU D 161 -23.97 4.34 -20.29
CA GLU D 161 -22.99 3.30 -20.49
C GLU D 161 -22.97 2.34 -19.31
N SER D 162 -22.25 1.24 -19.48
CA SER D 162 -22.14 0.22 -18.45
C SER D 162 -20.91 -0.62 -18.72
N VAL D 163 -19.94 -0.61 -17.81
CA VAL D 163 -18.72 -1.40 -17.91
C VAL D 163 -18.86 -2.63 -17.03
N THR D 164 -18.54 -3.80 -17.57
CA THR D 164 -18.73 -5.03 -16.83
C THR D 164 -17.55 -5.27 -15.88
N GLU D 165 -17.71 -6.30 -15.05
CA GLU D 165 -16.63 -6.77 -14.19
C GLU D 165 -15.46 -7.26 -15.03
N GLN D 166 -14.29 -7.32 -14.39
CA GLN D 166 -13.11 -7.85 -15.07
C GLN D 166 -13.29 -9.35 -15.34
N ASP D 167 -12.93 -9.76 -16.55
CA ASP D 167 -13.13 -11.14 -16.96
C ASP D 167 -12.16 -12.07 -16.23
N SER D 168 -12.67 -13.22 -15.78
CA SER D 168 -11.83 -14.16 -15.07
C SER D 168 -10.84 -14.88 -15.97
N LYS D 169 -11.07 -14.87 -17.29
CA LYS D 169 -10.20 -15.54 -18.25
C LYS D 169 -9.36 -14.58 -19.07
N ASP D 170 -9.90 -13.43 -19.45
CA ASP D 170 -9.17 -12.46 -20.25
C ASP D 170 -8.66 -11.27 -19.45
N SER D 171 -9.14 -11.09 -18.22
CA SER D 171 -8.68 -10.03 -17.32
C SER D 171 -8.88 -8.65 -17.94
N THR D 172 -9.98 -8.49 -18.67
CA THR D 172 -10.28 -7.27 -19.38
C THR D 172 -11.66 -6.75 -18.94
N TYR D 173 -12.01 -5.58 -19.46
CA TYR D 173 -13.31 -4.97 -19.23
C TYR D 173 -14.03 -4.78 -20.56
N SER D 174 -15.34 -4.61 -20.47
CA SER D 174 -16.17 -4.38 -21.64
C SER D 174 -17.23 -3.35 -21.28
N LEU D 175 -17.45 -2.39 -22.18
CA LEU D 175 -18.37 -1.28 -21.93
C LEU D 175 -19.30 -1.12 -23.12
N SER D 176 -20.57 -0.81 -22.83
CA SER D 176 -21.57 -0.60 -23.87
C SER D 176 -22.38 0.63 -23.51
N SER D 177 -22.34 1.65 -24.37
CA SER D 177 -23.12 2.87 -24.17
C SER D 177 -24.35 2.82 -25.08
N THR D 178 -25.50 3.19 -24.51
CA THR D 178 -26.76 3.15 -25.22
C THR D 178 -27.23 4.57 -25.51
N LEU D 179 -27.56 4.83 -26.78
CA LEU D 179 -28.09 6.13 -27.21
C LEU D 179 -29.57 5.95 -27.49
N THR D 180 -30.41 6.55 -26.64
CA THR D 180 -31.86 6.48 -26.78
C THR D 180 -32.38 7.82 -27.28
N LEU D 181 -33.24 7.77 -28.30
CA LEU D 181 -33.81 8.97 -28.89
C LEU D 181 -35.29 8.75 -29.15
N SER D 182 -36.00 9.84 -29.40
CA SER D 182 -37.36 9.74 -29.90
C SER D 182 -37.33 9.16 -31.31
N LYS D 183 -38.43 8.51 -31.69
CA LYS D 183 -38.50 7.90 -33.02
C LYS D 183 -38.38 8.95 -34.11
N ALA D 184 -39.10 10.06 -33.96
CA ALA D 184 -39.00 11.14 -34.94
C ALA D 184 -37.60 11.73 -34.96
N ASP D 185 -36.98 11.90 -33.79
CA ASP D 185 -35.60 12.37 -33.73
C ASP D 185 -34.64 11.38 -34.39
N TYR D 186 -35.03 10.12 -34.50
CA TYR D 186 -34.23 9.15 -35.24
C TYR D 186 -34.51 9.20 -36.73
N GLU D 187 -35.74 9.57 -37.12
CA GLU D 187 -36.09 9.72 -38.52
C GLU D 187 -35.60 11.03 -39.12
N LYS D 188 -35.11 11.97 -38.30
CA LYS D 188 -34.66 13.25 -38.79
C LYS D 188 -33.21 13.23 -39.29
N HIS D 189 -32.32 12.55 -38.57
CA HIS D 189 -30.92 12.51 -38.90
C HIS D 189 -30.58 11.26 -39.71
N LYS D 190 -29.43 11.30 -40.37
CA LYS D 190 -29.04 10.26 -41.33
C LYS D 190 -27.90 9.39 -40.81
N VAL D 191 -26.77 9.98 -40.45
CA VAL D 191 -25.58 9.24 -40.07
C VAL D 191 -25.48 9.19 -38.55
N TYR D 192 -25.26 7.99 -38.01
CA TYR D 192 -25.16 7.76 -36.58
C TYR D 192 -23.86 7.04 -36.27
N ALA D 193 -23.11 7.53 -35.30
CA ALA D 193 -21.79 6.98 -35.02
C ALA D 193 -21.47 7.12 -33.53
N CYS D 194 -20.46 6.36 -33.10
CA CYS D 194 -19.91 6.47 -31.76
C CYS D 194 -18.39 6.49 -31.87
N GLU D 195 -17.77 7.54 -31.34
CA GLU D 195 -16.32 7.70 -31.38
C GLU D 195 -15.73 7.19 -30.08
N VAL D 196 -14.73 6.32 -30.18
CA VAL D 196 -14.15 5.62 -29.04
C VAL D 196 -12.72 6.10 -28.84
N THR D 197 -12.41 6.53 -27.62
CA THR D 197 -11.08 6.97 -27.24
C THR D 197 -10.57 6.09 -26.12
N HIS D 198 -9.34 5.57 -26.27
CA HIS D 198 -8.74 4.72 -25.25
C HIS D 198 -7.23 4.80 -25.38
N GLN D 199 -6.55 4.47 -24.28
CA GLN D 199 -5.09 4.46 -24.28
C GLN D 199 -4.55 3.44 -25.27
N GLY D 200 -5.24 2.32 -25.46
CA GLY D 200 -4.78 1.28 -26.36
C GLY D 200 -5.09 1.54 -27.81
N LEU D 201 -5.36 2.80 -28.16
CA LEU D 201 -5.65 3.19 -29.54
C LEU D 201 -4.82 4.42 -29.88
N SER D 202 -4.13 4.36 -31.02
CA SER D 202 -3.32 5.50 -31.45
C SER D 202 -4.18 6.70 -31.81
N SER D 203 -5.35 6.47 -32.38
CA SER D 203 -6.28 7.51 -32.77
C SER D 203 -7.70 7.04 -32.45
N PRO D 204 -8.61 7.96 -32.16
CA PRO D 204 -10.00 7.57 -31.88
C PRO D 204 -10.60 6.76 -33.03
N VAL D 205 -11.17 5.62 -32.68
CA VAL D 205 -11.80 4.71 -33.64
C VAL D 205 -13.29 5.00 -33.68
N THR D 206 -13.83 5.18 -34.88
CA THR D 206 -15.23 5.53 -35.07
C THR D 206 -15.93 4.46 -35.91
N LYS D 207 -17.02 3.92 -35.37
CA LYS D 207 -17.89 3.01 -36.10
C LYS D 207 -19.21 3.71 -36.36
N SER D 208 -19.58 3.81 -37.63
CA SER D 208 -20.74 4.59 -38.05
C SER D 208 -21.67 3.73 -38.90
N PHE D 209 -22.93 4.15 -38.94
CA PHE D 209 -23.92 3.51 -39.82
C PHE D 209 -25.05 4.49 -40.07
N ASN D 210 -25.59 4.46 -41.28
CA ASN D 210 -26.65 5.37 -41.69
C ASN D 210 -28.01 4.76 -41.35
N ARG D 211 -29.06 5.57 -41.52
CA ARG D 211 -30.41 5.09 -41.20
C ARG D 211 -30.90 4.07 -42.20
N GLY D 212 -30.83 4.40 -43.50
CA GLY D 212 -31.30 3.50 -44.52
C GLY D 212 -30.43 2.27 -44.71
N GLU D 213 -29.23 2.47 -45.28
CA GLU D 213 -28.30 1.39 -45.61
C GLU D 213 -28.98 0.12 -46.13
#